data_7CIZ
#
_entry.id   7CIZ
#
_cell.length_a   47.638
_cell.length_b   176.816
_cell.length_c   202.925
_cell.angle_alpha   90.00
_cell.angle_beta   90.00
_cell.angle_gamma   90.00
#
_symmetry.space_group_name_H-M   'C 2 2 21'
#
loop_
_entity.id
_entity.type
_entity.pdbx_description
1 polymer 'Histone H3.3'
2 polymer 'Histone H4'
3 polymer 'DNA replication licensing factor MCM2'
4 polymer 'DnaJ homolog subfamily C member 9'
5 non-polymer 'SULFATE ION'
6 water water
#
loop_
_entity_poly.entity_id
_entity_poly.type
_entity_poly.pdbx_seq_one_letter_code
_entity_poly.pdbx_strand_id
1 'polypeptide(L)' STELLIRKLPFQRLVREIAQDFKTDLRFQSAAIGALQEASEAYLVGLFEDTNLCAIHAKRVTIMPKDIQLARRIRGERA A,E,I
2 'polypeptide(L)'
;SGRGKGGKGLGKGGAKRHRKVLRDNIQGITKPAIRRLARRGGVKRISGLIYEETRGVLKVFLENVIRDAVTYTEHAKRKT
VTAMDVVYALKRQGRTLYGFGG
;
B,F,J
3 'polypeptide(L)' GPLEEEEDGEELIGDGMERDYRAIPELDAYEAEGLALDDEDVEELTASQREAAERAMRQRDREAGRGLGR C,G,K
4 'polypeptide(L)' GPLGSKESKQKMNARKRRAQEEAKEAEMSRKELGLDEGVDSLKAAIQSRQKDRQKEMDNFLAQMEAKYSKSSKGG D,H,L
#
loop_
_chem_comp.id
_chem_comp.type
_chem_comp.name
_chem_comp.formula
SO4 non-polymer 'SULFATE ION' 'O4 S -2'
#
# COMPACT_ATOMS: atom_id res chain seq x y z
N SER A 1 11.69 32.44 25.77
CA SER A 1 11.92 31.08 25.28
C SER A 1 12.30 30.96 23.80
N THR A 2 13.10 31.91 23.34
CA THR A 2 13.69 31.81 22.02
C THR A 2 14.91 30.87 21.98
N GLU A 3 15.10 30.03 23.01
CA GLU A 3 16.07 28.94 22.92
C GLU A 3 15.55 27.73 22.16
N LEU A 4 14.25 27.68 21.86
CA LEU A 4 13.63 26.51 21.23
C LEU A 4 13.89 26.48 19.73
N LEU A 5 14.37 25.34 19.21
CA LEU A 5 14.41 25.23 17.76
C LEU A 5 13.58 24.07 17.23
N ILE A 6 14.09 22.84 17.32
CA ILE A 6 13.30 21.65 16.99
C ILE A 6 12.90 21.04 18.32
N ARG A 7 11.64 20.64 18.46
CA ARG A 7 11.25 20.03 19.73
C ARG A 7 11.89 18.67 19.87
N LYS A 8 12.21 18.32 21.12
CA LYS A 8 13.04 17.16 21.41
C LYS A 8 12.34 15.86 21.02
N LEU A 9 11.07 15.70 21.39
CA LEU A 9 10.39 14.43 21.12
C LEU A 9 10.27 14.15 19.62
N PRO A 10 9.78 15.08 18.79
CA PRO A 10 9.73 14.77 17.35
C PRO A 10 11.11 14.52 16.76
N PHE A 11 12.13 15.23 17.23
CA PHE A 11 13.47 14.99 16.72
C PHE A 11 13.93 13.58 17.05
N GLN A 12 13.73 13.15 18.30
CA GLN A 12 14.08 11.78 18.69
C GLN A 12 13.35 10.75 17.84
N ARG A 13 12.06 10.97 17.58
CA ARG A 13 11.33 9.97 16.82
C ARG A 13 11.77 9.98 15.36
N LEU A 14 12.14 11.14 14.84
CA LEU A 14 12.72 11.22 13.51
C LEU A 14 14.01 10.41 13.43
N VAL A 15 14.92 10.62 14.37
CA VAL A 15 16.19 9.91 14.38
C VAL A 15 15.97 8.41 14.40
N ARG A 16 15.05 7.94 15.24
CA ARG A 16 14.84 6.50 15.35
C ARG A 16 14.23 5.93 14.08
N GLU A 17 13.34 6.69 13.43
CA GLU A 17 12.76 6.20 12.18
C GLU A 17 13.82 6.07 11.11
N ILE A 18 14.69 7.07 10.97
CA ILE A 18 15.75 7.01 9.97
C ILE A 18 16.69 5.85 10.25
N ALA A 19 17.04 5.63 11.53
CA ALA A 19 17.99 4.59 11.90
C ALA A 19 17.45 3.20 11.59
N GLN A 20 16.13 3.01 11.61
CA GLN A 20 15.57 1.69 11.34
C GLN A 20 15.90 1.19 9.93
N ASP A 21 16.10 2.10 8.97
CA ASP A 21 16.43 1.67 7.63
C ASP A 21 17.84 1.09 7.53
N PHE A 22 18.67 1.28 8.55
CA PHE A 22 20.03 0.78 8.56
C PHE A 22 20.23 -0.41 9.49
N LYS A 23 19.56 -0.42 10.65
CA LYS A 23 19.64 -1.58 11.55
C LYS A 23 18.37 -1.64 12.39
N THR A 24 17.89 -2.85 12.61
CA THR A 24 16.67 -3.07 13.38
C THR A 24 16.99 -3.15 14.86
N ASP A 25 16.01 -2.76 15.67
CA ASP A 25 16.05 -2.96 17.12
C ASP A 25 17.23 -2.24 17.77
N LEU A 26 17.49 -1.02 17.31
CA LEU A 26 18.48 -0.19 17.98
C LEU A 26 17.87 0.53 19.17
N ARG A 27 18.70 0.74 20.18
CA ARG A 27 18.47 1.74 21.21
C ARG A 27 19.50 2.85 21.05
N PHE A 28 19.20 4.00 21.63
CA PHE A 28 20.09 5.16 21.61
C PHE A 28 20.35 5.62 23.02
N GLN A 29 21.60 6.00 23.30
CA GLN A 29 21.86 6.79 24.49
C GLN A 29 21.21 8.16 24.34
N SER A 30 20.67 8.67 25.45
CA SER A 30 20.06 9.99 25.42
C SER A 30 21.01 11.04 24.84
N ALA A 31 22.29 10.99 25.22
CA ALA A 31 23.26 11.96 24.72
C ALA A 31 23.58 11.77 23.25
N ALA A 32 23.37 10.58 22.69
CA ALA A 32 23.56 10.41 21.26
C ALA A 32 22.51 11.19 20.48
N ILE A 33 21.25 11.11 20.90
CA ILE A 33 20.20 11.90 20.26
C ILE A 33 20.46 13.38 20.47
N GLY A 34 20.85 13.76 21.69
CA GLY A 34 21.15 15.16 21.96
C GLY A 34 22.27 15.71 21.07
N ALA A 35 23.32 14.91 20.88
CA ALA A 35 24.41 15.37 20.02
C ALA A 35 23.97 15.50 18.57
N LEU A 36 23.15 14.54 18.10
CA LEU A 36 22.59 14.64 16.75
C LEU A 36 21.70 15.87 16.62
N GLN A 37 20.94 16.20 17.65
CA GLN A 37 20.08 17.38 17.58
C GLN A 37 20.90 18.65 17.56
N GLU A 38 21.93 18.74 18.42
CA GLU A 38 22.80 19.92 18.40
C GLU A 38 23.46 20.08 17.05
N ALA A 39 23.99 18.99 16.48
CA ALA A 39 24.63 19.08 15.17
C ALA A 39 23.64 19.46 14.08
N SER A 40 22.44 18.89 14.11
CA SER A 40 21.43 19.20 13.10
C SER A 40 20.99 20.66 13.18
N GLU A 41 20.79 21.17 14.39
CA GLU A 41 20.31 22.54 14.51
C GLU A 41 21.41 23.52 14.14
N ALA A 42 22.66 23.20 14.50
CA ALA A 42 23.78 24.06 14.11
C ALA A 42 23.93 24.07 12.59
N TYR A 43 23.75 22.91 11.97
CA TYR A 43 23.83 22.83 10.52
C TYR A 43 22.75 23.68 9.86
N LEU A 44 21.49 23.50 10.28
CA LEU A 44 20.40 24.23 9.62
C LEU A 44 20.48 25.73 9.87
N VAL A 45 20.82 26.14 11.10
CA VAL A 45 20.92 27.57 11.37
C VAL A 45 22.02 28.19 10.51
N GLY A 46 23.18 27.52 10.44
CA GLY A 46 24.24 28.04 9.60
C GLY A 46 23.87 28.07 8.13
N LEU A 47 23.14 27.06 7.67
CA LEU A 47 22.68 27.07 6.28
C LEU A 47 21.71 28.22 6.04
N PHE A 48 20.84 28.51 7.01
CA PHE A 48 19.95 29.66 6.82
C PHE A 48 20.71 30.97 6.84
N GLU A 49 21.78 31.08 7.63
CA GLU A 49 22.60 32.29 7.57
C GLU A 49 23.24 32.46 6.20
N ASP A 50 23.76 31.36 5.64
CA ASP A 50 24.42 31.42 4.35
C ASP A 50 23.40 31.64 3.22
N THR A 51 22.26 30.94 3.30
CA THR A 51 21.15 31.19 2.39
C THR A 51 20.74 32.66 2.40
N ASN A 52 20.62 33.24 3.59
CA ASN A 52 20.23 34.64 3.69
C ASN A 52 21.23 35.53 2.96
N LEU A 53 22.53 35.23 3.11
CA LEU A 53 23.54 36.01 2.41
C LEU A 53 23.39 35.89 0.90
N CYS A 54 23.04 34.69 0.42
CA CYS A 54 22.82 34.51 -1.01
C CYS A 54 21.65 35.35 -1.49
N ALA A 55 20.53 35.30 -0.76
CA ALA A 55 19.37 36.12 -1.12
C ALA A 55 19.74 37.60 -1.16
N ILE A 56 20.46 38.07 -0.15
CA ILE A 56 20.83 39.48 -0.07
C ILE A 56 21.70 39.87 -1.26
N HIS A 57 22.65 39.00 -1.62
CA HIS A 57 23.45 39.25 -2.83
C HIS A 57 22.56 39.38 -4.06
N ALA A 58 21.45 38.66 -4.10
CA ALA A 58 20.49 38.79 -5.19
C ALA A 58 19.52 39.94 -4.96
N LYS A 59 19.82 40.84 -4.02
CA LYS A 59 19.01 42.01 -3.72
C LYS A 59 17.60 41.63 -3.26
N ARG A 60 17.50 40.55 -2.49
CA ARG A 60 16.21 40.08 -2.01
C ARG A 60 16.23 39.90 -0.50
N VAL A 61 15.04 40.00 0.08
CA VAL A 61 14.83 39.71 1.49
C VAL A 61 14.18 38.34 1.70
N THR A 62 13.43 37.85 0.72
CA THR A 62 12.75 36.55 0.80
C THR A 62 13.70 35.47 0.29
N ILE A 63 14.11 34.56 1.17
CA ILE A 63 14.94 33.45 0.73
C ILE A 63 14.06 32.43 0.02
N MET A 64 14.63 31.81 -1.00
CA MET A 64 13.95 30.84 -1.87
C MET A 64 14.80 29.60 -1.95
N PRO A 65 14.22 28.47 -2.43
CA PRO A 65 15.03 27.24 -2.51
C PRO A 65 16.28 27.40 -3.36
N LYS A 66 16.24 28.23 -4.41
CA LYS A 66 17.46 28.47 -5.18
C LYS A 66 18.55 29.13 -4.35
N ASP A 67 18.18 29.88 -3.29
CA ASP A 67 19.18 30.43 -2.38
C ASP A 67 19.79 29.35 -1.52
N ILE A 68 18.97 28.42 -1.02
CA ILE A 68 19.49 27.28 -0.29
C ILE A 68 20.43 26.46 -1.17
N GLN A 69 20.03 26.22 -2.42
CA GLN A 69 20.85 25.41 -3.31
C GLN A 69 22.17 26.11 -3.63
N LEU A 70 22.14 27.42 -3.86
CA LEU A 70 23.38 28.15 -4.12
C LEU A 70 24.32 28.09 -2.93
N ALA A 71 23.77 28.32 -1.73
CA ALA A 71 24.57 28.24 -0.52
C ALA A 71 25.23 26.88 -0.38
N ARG A 72 24.47 25.81 -0.61
CA ARG A 72 25.04 24.47 -0.45
C ARG A 72 26.13 24.21 -1.48
N ARG A 73 25.98 24.75 -2.69
CA ARG A 73 27.03 24.58 -3.69
C ARG A 73 28.29 25.36 -3.31
N ILE A 74 28.14 26.60 -2.83
CA ILE A 74 29.31 27.36 -2.38
C ILE A 74 29.96 26.65 -1.20
N ARG A 75 29.16 26.05 -0.32
CA ARG A 75 29.68 25.29 0.81
C ARG A 75 30.29 23.95 0.43
N GLY A 76 30.23 23.55 -0.84
CA GLY A 76 30.80 22.28 -1.26
C GLY A 76 29.96 21.06 -0.97
N GLU A 77 28.66 21.23 -0.73
CA GLU A 77 27.82 20.08 -0.37
C GLU A 77 27.36 19.31 -1.60
N ARG A 78 26.88 20.01 -2.62
CA ARG A 78 26.26 19.39 -3.79
C ARG A 78 25.76 20.47 -4.74
N ARG B 23 7.47 6.30 8.80
CA ARG B 23 6.38 6.51 9.73
C ARG B 23 5.99 7.99 9.82
N ASP B 24 6.33 8.74 8.75
CA ASP B 24 5.93 10.14 8.58
C ASP B 24 6.47 11.05 9.68
N ASN B 25 7.54 10.64 10.37
CA ASN B 25 8.11 11.47 11.43
C ASN B 25 8.82 12.70 10.88
N ILE B 26 9.04 12.79 9.56
CA ILE B 26 9.57 14.02 8.98
C ILE B 26 8.61 15.19 9.19
N GLN B 27 7.34 14.90 9.44
CA GLN B 27 6.37 15.95 9.76
C GLN B 27 6.59 16.54 11.15
N GLY B 28 7.37 15.87 12.01
CA GLY B 28 7.79 16.47 13.26
C GLY B 28 8.72 17.65 13.07
N ILE B 29 9.30 17.79 11.88
CA ILE B 29 9.98 19.03 11.51
C ILE B 29 8.86 19.93 11.02
N THR B 30 8.23 20.63 11.95
CA THR B 30 7.03 21.40 11.70
C THR B 30 7.39 22.71 11.00
N LYS B 31 6.36 23.34 10.44
CA LYS B 31 6.56 24.70 9.92
C LYS B 31 7.01 25.67 11.00
N PRO B 32 6.46 25.69 12.22
CA PRO B 32 7.05 26.53 13.27
C PRO B 32 8.51 26.22 13.56
N ALA B 33 8.89 24.94 13.61
CA ALA B 33 10.30 24.59 13.82
C ALA B 33 11.17 25.18 12.73
N ILE B 34 10.71 25.09 11.48
CA ILE B 34 11.50 25.63 10.38
C ILE B 34 11.60 27.14 10.50
N ARG B 35 10.50 27.79 10.90
CA ARG B 35 10.54 29.24 11.11
C ARG B 35 11.45 29.61 12.27
N ARG B 36 11.44 28.83 13.35
CA ARG B 36 12.34 29.12 14.47
C ARG B 36 13.80 29.02 14.03
N LEU B 37 14.15 28.00 13.23
CA LEU B 37 15.51 27.86 12.73
C LEU B 37 15.89 29.00 11.80
N ALA B 38 14.99 29.37 10.89
CA ALA B 38 15.28 30.48 9.97
C ALA B 38 15.48 31.78 10.73
N ARG B 39 14.62 32.06 11.72
CA ARG B 39 14.77 33.29 12.50
C ARG B 39 16.11 33.33 13.20
N ARG B 40 16.51 32.20 13.80
CA ARG B 40 17.81 32.11 14.45
C ARG B 40 18.96 32.33 13.46
N GLY B 41 18.77 31.96 12.20
CA GLY B 41 19.73 32.28 11.17
C GLY B 41 19.64 33.69 10.62
N GLY B 42 18.77 34.53 11.20
CA GLY B 42 18.65 35.91 10.75
C GLY B 42 17.75 36.13 9.55
N VAL B 43 17.02 35.11 9.10
CA VAL B 43 16.14 35.28 7.95
C VAL B 43 14.92 36.09 8.34
N LYS B 44 14.46 36.97 7.44
CA LYS B 44 13.30 37.80 7.69
C LYS B 44 12.05 37.35 6.94
N ARG B 45 12.18 36.80 5.74
CA ARG B 45 11.04 36.36 4.96
C ARG B 45 11.41 35.07 4.24
N ILE B 46 10.44 34.17 4.11
CA ILE B 46 10.67 32.89 3.44
C ILE B 46 9.58 32.66 2.39
N SER B 47 9.98 32.04 1.30
CA SER B 47 9.03 31.53 0.32
C SER B 47 8.37 30.27 0.86
N GLY B 48 7.16 29.97 0.37
CA GLY B 48 6.45 28.81 0.87
C GLY B 48 7.15 27.49 0.56
N LEU B 49 7.95 27.46 -0.51
CA LEU B 49 8.70 26.26 -0.85
C LEU B 49 9.90 26.02 0.07
N ILE B 50 10.19 26.93 0.98
CA ILE B 50 11.31 26.75 1.89
C ILE B 50 11.06 25.58 2.85
N TYR B 51 9.81 25.37 3.25
CA TYR B 51 9.50 24.31 4.21
C TYR B 51 9.91 22.94 3.67
N GLU B 52 9.42 22.57 2.48
CA GLU B 52 9.77 21.26 1.95
C GLU B 52 11.26 21.17 1.62
N GLU B 53 11.86 22.26 1.13
CA GLU B 53 13.31 22.23 0.87
C GLU B 53 14.09 21.98 2.14
N THR B 54 13.65 22.55 3.27
CA THR B 54 14.37 22.38 4.52
C THR B 54 14.23 20.96 5.05
N ARG B 55 13.03 20.40 5.00
CA ARG B 55 12.85 19.01 5.40
C ARG B 55 13.73 18.08 4.59
N GLY B 56 13.81 18.31 3.28
CA GLY B 56 14.66 17.46 2.44
C GLY B 56 16.12 17.58 2.77
N VAL B 57 16.59 18.80 3.04
CA VAL B 57 17.98 19.00 3.41
C VAL B 57 18.29 18.36 4.76
N LEU B 58 17.38 18.48 5.74
CA LEU B 58 17.62 17.83 7.02
C LEU B 58 17.59 16.32 6.89
N LYS B 59 16.68 15.79 6.07
CA LYS B 59 16.57 14.34 5.88
C LYS B 59 17.89 13.74 5.41
N VAL B 60 18.49 14.33 4.37
CA VAL B 60 19.72 13.75 3.84
C VAL B 60 20.86 13.93 4.84
N PHE B 61 20.93 15.08 5.52
CA PHE B 61 21.94 15.30 6.55
C PHE B 61 21.84 14.23 7.62
N LEU B 62 20.62 13.96 8.10
CA LEU B 62 20.46 12.97 9.17
C LEU B 62 20.73 11.57 8.67
N GLU B 63 20.23 11.23 7.47
CA GLU B 63 20.50 9.92 6.89
C GLU B 63 22.01 9.65 6.83
N ASN B 64 22.78 10.65 6.39
CA ASN B 64 24.23 10.46 6.23
C ASN B 64 24.91 10.24 7.59
N VAL B 65 24.59 11.08 8.58
CA VAL B 65 25.26 10.96 9.87
C VAL B 65 24.81 9.70 10.61
N ILE B 66 23.51 9.40 10.58
CA ILE B 66 23.01 8.23 11.29
C ILE B 66 23.55 6.95 10.66
N ARG B 67 23.66 6.91 9.33
CA ARG B 67 24.23 5.72 8.67
C ARG B 67 25.65 5.46 9.18
N ASP B 68 26.46 6.51 9.30
CA ASP B 68 27.82 6.32 9.82
C ASP B 68 27.79 5.92 11.28
N ALA B 69 26.92 6.56 12.07
CA ALA B 69 26.84 6.24 13.50
C ALA B 69 26.46 4.79 13.72
N VAL B 70 25.44 4.30 13.00
CA VAL B 70 25.04 2.91 13.16
C VAL B 70 26.14 1.97 12.67
N THR B 71 26.95 2.39 11.70
CA THR B 71 28.06 1.55 11.26
C THR B 71 29.08 1.37 12.37
N TYR B 72 29.42 2.44 13.08
CA TYR B 72 30.25 2.32 14.27
C TYR B 72 29.61 1.39 15.29
N THR B 73 28.31 1.58 15.54
CA THR B 73 27.60 0.71 16.48
C THR B 73 27.76 -0.75 16.09
N GLU B 74 27.57 -1.07 14.81
CA GLU B 74 27.69 -2.46 14.36
C GLU B 74 29.11 -2.98 14.56
N HIS B 75 30.12 -2.15 14.27
CA HIS B 75 31.50 -2.60 14.46
C HIS B 75 31.88 -2.69 15.92
N ALA B 76 31.14 -2.03 16.81
CA ALA B 76 31.32 -2.24 18.24
C ALA B 76 30.58 -3.47 18.74
N LYS B 77 29.88 -4.19 17.85
CA LYS B 77 29.19 -5.44 18.20
C LYS B 77 28.16 -5.24 19.30
N ARG B 78 27.38 -4.16 19.20
CA ARG B 78 26.30 -3.94 20.15
C ARG B 78 25.11 -3.34 19.42
N LYS B 79 24.04 -3.09 20.16
CA LYS B 79 22.77 -2.66 19.56
C LYS B 79 22.33 -1.31 20.10
N THR B 80 23.21 -0.60 20.81
CA THR B 80 22.91 0.73 21.34
C THR B 80 23.84 1.72 20.68
N VAL B 81 23.26 2.73 20.04
CA VAL B 81 24.05 3.83 19.48
C VAL B 81 24.46 4.75 20.61
N THR B 82 25.76 4.87 20.84
CA THR B 82 26.24 5.66 21.95
C THR B 82 26.57 7.10 21.52
N ALA B 83 26.74 7.95 22.52
CA ALA B 83 27.19 9.31 22.28
C ALA B 83 28.51 9.33 21.51
N MET B 84 29.44 8.42 21.85
CA MET B 84 30.71 8.36 21.13
C MET B 84 30.54 7.87 19.69
N ASP B 85 29.62 6.91 19.43
CA ASP B 85 29.35 6.55 18.04
C ASP B 85 28.96 7.77 17.23
N VAL B 86 28.13 8.64 17.81
CA VAL B 86 27.70 9.84 17.12
C VAL B 86 28.86 10.82 16.98
N VAL B 87 29.70 10.92 18.01
CA VAL B 87 30.88 11.79 17.92
C VAL B 87 31.73 11.40 16.73
N TYR B 88 32.01 10.11 16.56
CA TYR B 88 32.83 9.70 15.43
C TYR B 88 32.12 9.89 14.11
N ALA B 89 30.80 9.69 14.08
CA ALA B 89 30.06 9.96 12.84
C ALA B 89 30.12 11.44 12.48
N LEU B 90 30.04 12.33 13.48
CA LEU B 90 30.11 13.77 13.19
C LEU B 90 31.53 14.18 12.79
N LYS B 91 32.56 13.56 13.37
CA LYS B 91 33.93 13.83 12.91
C LYS B 91 34.08 13.46 11.45
N ARG B 92 33.60 12.27 11.09
CA ARG B 92 33.68 11.80 9.71
C ARG B 92 32.90 12.70 8.77
N GLN B 93 31.70 13.13 9.20
CA GLN B 93 30.87 13.99 8.36
C GLN B 93 31.56 15.31 8.07
N GLY B 94 32.27 15.86 9.06
CA GLY B 94 33.01 17.09 8.84
C GLY B 94 34.04 16.97 7.73
N ARG B 95 34.55 15.76 7.51
CA ARG B 95 35.54 15.50 6.48
C ARG B 95 34.94 15.05 5.15
N THR B 96 33.66 14.67 5.11
CA THR B 96 33.05 14.17 3.88
C THR B 96 31.86 14.97 3.37
N LEU B 97 31.16 15.73 4.23
CA LEU B 97 29.94 16.41 3.80
C LEU B 97 30.22 17.52 2.81
N TYR B 98 31.38 18.16 2.91
CA TYR B 98 31.68 19.33 2.08
C TYR B 98 32.80 19.03 1.08
N ASP C 8 3.92 36.10 -2.55
CA ASP C 8 5.37 36.26 -2.46
C ASP C 8 5.96 35.35 -1.38
N GLY C 9 6.34 35.97 -0.26
CA GLY C 9 6.92 35.28 0.85
C GLY C 9 6.05 35.29 2.09
N GLU C 10 6.68 35.08 3.24
CA GLU C 10 6.02 35.06 4.53
C GLU C 10 6.93 35.76 5.52
N GLU C 11 6.40 36.78 6.19
CA GLU C 11 7.16 37.53 7.19
C GLU C 11 7.39 36.69 8.43
N LEU C 12 8.66 36.53 8.83
CA LEU C 12 8.95 35.76 10.03
C LEU C 12 8.74 36.56 11.31
N ILE C 13 8.89 37.88 11.27
CA ILE C 13 8.77 38.74 12.44
C ILE C 13 7.49 39.55 12.27
N GLY C 14 6.44 39.17 13.00
CA GLY C 14 5.20 39.89 12.86
C GLY C 14 4.19 39.41 13.87
N ASP C 15 2.97 39.92 13.73
CA ASP C 15 1.91 39.55 14.66
C ASP C 15 1.70 38.05 14.65
N GLY C 16 1.54 37.47 15.84
CA GLY C 16 1.36 36.05 15.98
C GLY C 16 2.63 35.24 16.07
N MET C 17 3.80 35.87 16.02
CA MET C 17 5.04 35.10 16.10
C MET C 17 5.14 34.34 17.43
N GLU C 18 4.46 34.81 18.50
CA GLU C 18 4.48 34.10 19.77
C GLU C 18 3.90 32.71 19.67
N ARG C 19 3.05 32.44 18.68
CA ARG C 19 2.48 31.10 18.52
C ARG C 19 3.54 30.06 18.19
N ASP C 20 4.70 30.49 17.71
CA ASP C 20 5.80 29.58 17.41
C ASP C 20 6.65 29.25 18.63
N TYR C 21 6.42 29.91 19.76
CA TYR C 21 7.31 29.74 20.91
C TYR C 21 6.58 29.23 22.14
N ARG C 22 5.51 28.48 21.94
CA ARG C 22 4.80 27.94 23.09
C ARG C 22 5.60 26.80 23.71
N ALA C 23 5.41 26.62 25.01
CA ALA C 23 6.02 25.50 25.71
C ALA C 23 5.05 24.34 25.69
N ILE C 24 5.55 23.16 25.30
CA ILE C 24 4.72 21.96 25.24
C ILE C 24 5.45 20.83 25.95
N PRO C 25 5.22 20.63 27.25
CA PRO C 25 6.03 19.66 28.00
C PRO C 25 5.98 18.25 27.43
N GLU C 26 4.87 17.83 26.84
CA GLU C 26 4.78 16.48 26.28
C GLU C 26 5.75 16.27 25.12
N LEU C 27 6.18 17.34 24.47
CA LEU C 27 7.10 17.23 23.34
C LEU C 27 8.48 17.81 23.60
N ASP C 28 8.68 18.46 24.74
CA ASP C 28 9.90 19.21 24.99
C ASP C 28 10.94 18.39 25.75
N ALA C 29 10.79 17.07 25.79
CA ALA C 29 11.77 16.17 26.38
C ALA C 29 11.77 14.86 25.63
N TYR C 30 12.94 14.21 25.57
CA TYR C 30 13.01 12.88 24.99
C TYR C 30 12.21 11.89 25.82
N GLU C 31 11.52 10.97 25.15
CA GLU C 31 10.76 9.92 25.81
C GLU C 31 11.65 8.71 26.05
N ALA C 32 11.24 7.88 27.01
CA ALA C 32 12.06 6.72 27.36
C ALA C 32 12.14 5.71 26.23
N GLU C 33 11.12 5.62 25.40
CA GLU C 33 11.07 4.58 24.37
C GLU C 33 12.24 4.70 23.41
N GLY C 34 12.95 3.59 23.21
CA GLY C 34 14.08 3.59 22.30
C GLY C 34 15.38 4.06 22.89
N LEU C 35 15.41 4.42 24.17
CA LEU C 35 16.65 4.85 24.80
C LEU C 35 17.24 3.77 25.69
N ALA C 36 18.56 3.84 25.86
CA ALA C 36 19.29 2.91 26.70
C ALA C 36 19.05 3.24 28.17
N LEU C 37 18.57 2.26 28.92
CA LEU C 37 18.15 2.49 30.30
C LEU C 37 18.97 1.73 31.33
N ASP C 38 20.09 1.10 30.94
CA ASP C 38 20.80 0.23 31.87
C ASP C 38 22.32 0.39 31.90
N ASP C 39 22.92 1.24 31.06
CA ASP C 39 24.37 1.38 30.96
C ASP C 39 25.07 0.06 30.65
N GLU C 40 24.34 -0.90 30.08
CA GLU C 40 24.88 -2.20 29.70
C GLU C 40 25.20 -2.20 28.21
N ASP C 41 26.28 -2.89 27.85
CA ASP C 41 26.69 -3.05 26.45
C ASP C 41 26.74 -1.68 25.73
N VAL C 42 27.54 -0.78 26.29
CA VAL C 42 27.76 0.53 25.69
C VAL C 42 29.25 0.85 25.64
N GLU C 43 30.09 -0.20 25.62
CA GLU C 43 31.53 0.01 25.64
C GLU C 43 31.98 0.81 24.43
N GLU C 44 32.96 1.68 24.64
CA GLU C 44 33.49 2.51 23.57
C GLU C 44 34.12 1.65 22.50
N LEU C 45 33.99 2.09 21.25
CA LEU C 45 34.73 1.51 20.14
C LEU C 45 36.19 1.35 20.55
N THR C 46 36.75 0.17 20.29
CA THR C 46 38.19 0.05 20.38
C THR C 46 38.83 0.71 19.15
N ALA C 47 40.15 0.91 19.23
CA ALA C 47 40.85 1.51 18.10
C ALA C 47 40.67 0.69 16.82
N SER C 48 40.74 -0.63 16.93
CA SER C 48 40.63 -1.45 15.71
C SER C 48 39.20 -1.52 15.19
N GLN C 49 38.19 -1.46 16.09
CA GLN C 49 36.81 -1.43 15.59
C GLN C 49 36.50 -0.11 14.88
N ARG C 50 37.03 1.00 15.39
CA ARG C 50 36.84 2.25 14.68
C ARG C 50 37.54 2.22 13.32
N GLU C 51 38.78 1.73 13.29
CA GLU C 51 39.50 1.66 12.03
C GLU C 51 38.81 0.76 11.01
N ALA C 52 38.28 -0.38 11.46
CA ALA C 52 37.59 -1.29 10.55
C ALA C 52 36.31 -0.67 10.02
N ALA C 53 35.56 0.04 10.87
CA ALA C 53 34.38 0.75 10.39
C ALA C 53 34.75 1.80 9.35
N GLU C 54 35.83 2.53 9.60
CA GLU C 54 36.17 3.62 8.68
C GLU C 54 36.75 3.08 7.38
N ARG C 55 37.45 1.94 7.43
CA ARG C 55 37.88 1.31 6.20
C ARG C 55 36.67 0.83 5.38
N ALA C 56 35.67 0.28 6.06
CA ALA C 56 34.46 -0.15 5.38
C ALA C 56 33.71 1.02 4.77
N MET C 57 33.59 2.13 5.52
CA MET C 57 32.89 3.29 5.01
C MET C 57 33.68 3.97 3.90
N ARG C 58 35.01 3.91 3.97
CA ARG C 58 35.83 4.46 2.88
C ARG C 58 35.60 3.69 1.59
N GLN C 59 35.59 2.36 1.66
CA GLN C 59 35.29 1.55 0.49
C GLN C 59 33.86 1.79 0.01
N ARG C 60 32.93 1.91 0.94
CA ARG C 60 31.54 2.18 0.60
C ARG C 60 31.40 3.49 -0.17
N ASP C 61 32.06 4.55 0.32
CA ASP C 61 31.98 5.84 -0.36
C ASP C 61 32.67 5.79 -1.73
N ARG C 62 33.82 5.13 -1.83
CA ARG C 62 34.52 5.07 -3.11
C ARG C 62 33.69 4.34 -4.16
N GLU C 63 33.00 3.27 -3.77
CA GLU C 63 32.16 2.55 -4.70
C GLU C 63 30.94 3.38 -5.09
N ALA C 64 30.36 4.11 -4.15
CA ALA C 64 29.25 4.99 -4.48
C ALA C 64 29.69 6.15 -5.37
N GLY C 65 30.97 6.50 -5.34
CA GLY C 65 31.48 7.59 -6.16
C GLY C 65 31.06 8.96 -5.66
N THR D 2 -0.94 -17.09 -26.47
CA THR D 2 0.16 -16.29 -27.03
C THR D 2 1.25 -16.11 -25.98
N GLU D 3 2.39 -15.54 -26.35
CA GLU D 3 3.43 -15.24 -25.36
C GLU D 3 3.77 -13.75 -25.32
N LEU D 4 2.75 -12.93 -25.51
CA LEU D 4 2.74 -11.58 -24.98
C LEU D 4 2.68 -11.66 -23.47
N LEU D 5 3.68 -11.09 -22.78
CA LEU D 5 3.50 -10.99 -21.34
C LEU D 5 3.59 -9.55 -20.85
N ILE D 6 4.79 -8.97 -20.73
CA ILE D 6 4.93 -7.55 -20.40
C ILE D 6 5.16 -6.82 -21.70
N ARG D 7 4.52 -5.66 -21.88
CA ARG D 7 4.74 -4.92 -23.11
C ARG D 7 6.17 -4.44 -23.17
N LYS D 8 6.77 -4.53 -24.36
CA LYS D 8 8.21 -4.28 -24.49
C LYS D 8 8.59 -2.84 -24.19
N LEU D 9 7.91 -1.88 -24.80
CA LEU D 9 8.30 -0.48 -24.60
C LEU D 9 8.12 -0.05 -23.16
N PRO D 10 6.99 -0.33 -22.49
CA PRO D 10 6.90 0.01 -21.07
C PRO D 10 7.96 -0.65 -20.22
N PHE D 11 8.31 -1.90 -20.52
CA PHE D 11 9.34 -2.57 -19.73
C PHE D 11 10.68 -1.87 -19.90
N GLN D 12 11.03 -1.53 -21.13
CA GLN D 12 12.26 -0.80 -21.41
C GLN D 12 12.33 0.50 -20.64
N ARG D 13 11.24 1.28 -20.65
CA ARG D 13 11.28 2.56 -19.95
C ARG D 13 11.37 2.37 -18.44
N LEU D 14 10.73 1.34 -17.91
CA LEU D 14 10.86 1.07 -16.47
C LEU D 14 12.29 0.70 -16.11
N VAL D 15 12.92 -0.12 -16.93
CA VAL D 15 14.32 -0.49 -16.67
C VAL D 15 15.20 0.75 -16.64
N ARG D 16 15.05 1.62 -17.64
CA ARG D 16 15.86 2.83 -17.68
C ARG D 16 15.58 3.74 -16.50
N GLU D 17 14.31 3.84 -16.08
CA GLU D 17 14.01 4.73 -14.96
C GLU D 17 14.64 4.21 -13.68
N ILE D 18 14.55 2.91 -13.45
CA ILE D 18 15.18 2.30 -12.27
C ILE D 18 16.69 2.51 -12.31
N ALA D 19 17.30 2.34 -13.48
CA ALA D 19 18.76 2.46 -13.58
C ALA D 19 19.24 3.86 -13.28
N GLN D 20 18.42 4.88 -13.54
CA GLN D 20 18.91 6.24 -13.37
C GLN D 20 19.16 6.57 -11.89
N ASP D 21 18.60 5.79 -10.96
CA ASP D 21 18.95 5.96 -9.55
C ASP D 21 20.33 5.43 -9.20
N PHE D 22 20.96 4.67 -10.09
CA PHE D 22 22.29 4.14 -9.83
C PHE D 22 23.38 4.84 -10.62
N LYS D 23 23.08 5.31 -11.84
CA LYS D 23 24.08 6.00 -12.64
C LYS D 23 23.38 6.86 -13.68
N THR D 24 23.82 8.10 -13.82
CA THR D 24 23.23 9.01 -14.79
C THR D 24 23.75 8.69 -16.19
N ASP D 25 22.91 8.98 -17.20
CA ASP D 25 23.34 9.00 -18.60
C ASP D 25 23.75 7.61 -19.10
N LEU D 26 23.07 6.58 -18.64
CA LEU D 26 23.34 5.24 -19.13
C LEU D 26 22.67 5.01 -20.47
N ARG D 27 23.29 4.19 -21.29
CA ARG D 27 22.62 3.52 -22.41
C ARG D 27 22.62 2.02 -22.14
N PHE D 28 21.79 1.30 -22.90
CA PHE D 28 21.63 -0.15 -22.79
C PHE D 28 21.76 -0.78 -24.17
N GLN D 29 22.42 -1.92 -24.24
CA GLN D 29 22.29 -2.75 -25.42
C GLN D 29 20.85 -3.28 -25.47
N SER D 30 20.30 -3.39 -26.68
CA SER D 30 18.94 -3.94 -26.81
C SER D 30 18.85 -5.31 -26.14
N ALA D 31 19.89 -6.14 -26.30
CA ALA D 31 19.88 -7.48 -25.74
C ALA D 31 19.96 -7.47 -24.22
N ALA D 32 20.52 -6.41 -23.64
CA ALA D 32 20.51 -6.27 -22.18
C ALA D 32 19.07 -6.11 -21.67
N ILE D 33 18.30 -5.22 -22.29
CA ILE D 33 16.90 -5.07 -21.92
C ILE D 33 16.14 -6.38 -22.14
N GLY D 34 16.36 -7.01 -23.30
CA GLY D 34 15.64 -8.25 -23.60
C GLY D 34 15.93 -9.35 -22.60
N ALA D 35 17.19 -9.49 -22.17
CA ALA D 35 17.51 -10.49 -21.17
C ALA D 35 16.86 -10.17 -19.83
N LEU D 36 16.86 -8.89 -19.44
CA LEU D 36 16.14 -8.50 -18.23
C LEU D 36 14.66 -8.82 -18.35
N GLN D 37 14.10 -8.62 -19.54
CA GLN D 37 12.67 -8.88 -19.69
C GLN D 37 12.40 -10.39 -19.62
N GLU D 38 13.23 -11.20 -20.26
CA GLU D 38 13.07 -12.65 -20.19
C GLU D 38 13.16 -13.15 -18.75
N ALA D 39 14.16 -12.66 -18.02
CA ALA D 39 14.37 -13.09 -16.64
C ALA D 39 13.23 -12.62 -15.74
N SER D 40 12.76 -11.38 -15.95
CA SER D 40 11.64 -10.85 -15.16
C SER D 40 10.37 -11.66 -15.41
N GLU D 41 10.08 -11.98 -16.68
CA GLU D 41 8.86 -12.72 -16.97
C GLU D 41 8.95 -14.16 -16.45
N ALA D 42 10.11 -14.80 -16.62
CA ALA D 42 10.28 -16.14 -16.08
C ALA D 42 10.11 -16.15 -14.57
N TYR D 43 10.69 -15.15 -13.90
CA TYR D 43 10.57 -15.04 -12.46
C TYR D 43 9.10 -14.91 -12.02
N LEU D 44 8.37 -13.99 -12.64
CA LEU D 44 6.98 -13.76 -12.23
C LEU D 44 6.09 -14.93 -12.59
N VAL D 45 6.26 -15.53 -13.78
CA VAL D 45 5.44 -16.70 -14.12
C VAL D 45 5.68 -17.82 -13.12
N GLY D 46 6.93 -18.09 -12.78
CA GLY D 46 7.21 -19.13 -11.80
C GLY D 46 6.68 -18.79 -10.41
N LEU D 47 6.71 -17.51 -10.04
CA LEU D 47 6.15 -17.13 -8.75
C LEU D 47 4.65 -17.32 -8.73
N PHE D 48 3.96 -17.00 -9.83
CA PHE D 48 2.53 -17.27 -9.90
C PHE D 48 2.23 -18.76 -9.84
N GLU D 49 3.08 -19.60 -10.45
CA GLU D 49 2.87 -21.05 -10.35
C GLU D 49 2.95 -21.51 -8.91
N ASP D 50 3.95 -21.01 -8.17
CA ASP D 50 4.16 -21.40 -6.77
C ASP D 50 3.08 -20.79 -5.88
N THR D 51 2.69 -19.56 -6.16
CA THR D 51 1.59 -18.93 -5.46
C THR D 51 0.32 -19.73 -5.63
N ASN D 52 0.05 -20.20 -6.84
CA ASN D 52 -1.15 -20.99 -7.10
C ASN D 52 -1.13 -22.27 -6.28
N LEU D 53 0.04 -22.90 -6.18
CA LEU D 53 0.17 -24.10 -5.35
C LEU D 53 -0.13 -23.81 -3.88
N CYS D 54 0.36 -22.68 -3.37
CA CYS D 54 0.05 -22.32 -1.99
C CYS D 54 -1.45 -22.15 -1.80
N ALA D 55 -2.11 -21.45 -2.74
CA ALA D 55 -3.55 -21.28 -2.67
C ALA D 55 -4.27 -22.63 -2.69
N ILE D 56 -3.88 -23.53 -3.59
CA ILE D 56 -4.52 -24.83 -3.66
C ILE D 56 -4.34 -25.60 -2.36
N HIS D 57 -3.14 -25.54 -1.78
CA HIS D 57 -2.92 -26.17 -0.49
C HIS D 57 -3.95 -25.69 0.53
N ALA D 58 -4.28 -24.40 0.50
CA ALA D 58 -5.32 -23.86 1.37
C ALA D 58 -6.73 -24.10 0.81
N LYS D 59 -6.88 -24.99 -0.19
CA LYS D 59 -8.15 -25.24 -0.86
C LYS D 59 -8.84 -23.94 -1.28
N ARG D 60 -8.09 -23.10 -1.99
CA ARG D 60 -8.61 -21.88 -2.59
C ARG D 60 -8.19 -21.82 -4.04
N VAL D 61 -9.02 -21.15 -4.85
CA VAL D 61 -8.75 -20.96 -6.27
C VAL D 61 -8.27 -19.53 -6.51
N THR D 62 -8.74 -18.61 -5.68
CA THR D 62 -8.45 -17.19 -5.80
C THR D 62 -7.18 -16.87 -5.03
N ILE D 63 -6.11 -16.51 -5.74
CA ILE D 63 -4.85 -16.26 -5.05
C ILE D 63 -4.89 -14.89 -4.39
N MET D 64 -4.23 -14.79 -3.24
CA MET D 64 -4.18 -13.58 -2.42
C MET D 64 -2.73 -13.18 -2.15
N PRO D 65 -2.48 -11.92 -1.79
CA PRO D 65 -1.10 -11.53 -1.47
C PRO D 65 -0.46 -12.45 -0.44
N LYS D 66 -1.24 -12.99 0.49
CA LYS D 66 -0.71 -13.94 1.47
C LYS D 66 -0.11 -15.17 0.78
N ASP D 67 -0.68 -15.58 -0.36
CA ASP D 67 -0.13 -16.73 -1.08
C ASP D 67 1.18 -16.39 -1.77
N ILE D 68 1.29 -15.16 -2.31
CA ILE D 68 2.55 -14.74 -2.91
C ILE D 68 3.65 -14.70 -1.86
N GLN D 69 3.32 -14.19 -0.68
CA GLN D 69 4.35 -14.05 0.35
C GLN D 69 4.71 -15.39 0.96
N LEU D 70 3.75 -16.31 1.10
CA LEU D 70 4.10 -17.66 1.52
C LEU D 70 5.00 -18.33 0.49
N ALA D 71 4.66 -18.20 -0.79
CA ALA D 71 5.51 -18.77 -1.83
C ALA D 71 6.91 -18.19 -1.78
N ARG D 72 7.04 -16.88 -1.59
CA ARG D 72 8.37 -16.28 -1.57
C ARG D 72 9.18 -16.80 -0.37
N ARG D 73 8.51 -16.98 0.77
CA ARG D 73 9.21 -17.52 1.95
C ARG D 73 9.69 -18.93 1.71
N ILE D 74 8.84 -19.78 1.12
CA ILE D 74 9.27 -21.16 0.83
C ILE D 74 10.41 -21.17 -0.17
N ARG D 75 10.42 -20.23 -1.11
CA ARG D 75 11.47 -20.07 -2.10
C ARG D 75 12.76 -19.47 -1.52
N GLY D 76 12.74 -19.01 -0.27
CA GLY D 76 13.94 -18.45 0.32
C GLY D 76 14.19 -16.99 0.00
N GLU D 77 13.18 -16.29 -0.53
CA GLU D 77 13.33 -14.87 -0.81
C GLU D 77 13.09 -14.00 0.42
N ARG D 78 11.85 -14.03 0.93
CA ARG D 78 11.35 -13.26 2.08
C ARG D 78 11.94 -11.86 2.19
N ALA D 79 12.11 -11.16 1.06
CA ALA D 79 12.76 -9.86 1.07
C ALA D 79 12.58 -9.13 -0.28
N VAL E 21 15.18 12.74 -17.86
CA VAL E 21 14.92 12.14 -16.56
C VAL E 21 13.52 11.53 -16.55
N LEU E 22 13.47 10.21 -16.45
CA LEU E 22 12.22 9.48 -16.58
C LEU E 22 11.48 9.42 -15.24
N ARG E 23 10.14 9.45 -15.32
CA ARG E 23 9.31 9.41 -14.14
C ARG E 23 8.07 8.59 -14.42
N ASP E 24 7.55 7.96 -13.37
CA ASP E 24 6.24 7.31 -13.35
C ASP E 24 6.13 6.13 -14.30
N ASN E 25 7.25 5.56 -14.73
CA ASN E 25 7.14 4.44 -15.66
C ASN E 25 6.74 3.15 -14.98
N ILE E 26 6.62 3.14 -13.64
CA ILE E 26 5.97 2.01 -12.98
C ILE E 26 4.53 1.85 -13.48
N GLN E 27 3.93 2.94 -13.97
CA GLN E 27 2.60 2.90 -14.57
C GLN E 27 2.52 1.99 -15.79
N GLY E 28 3.66 1.65 -16.41
CA GLY E 28 3.68 0.76 -17.56
C GLY E 28 3.42 -0.69 -17.23
N ILE E 29 3.46 -1.08 -15.97
CA ILE E 29 3.04 -2.42 -15.56
C ILE E 29 1.56 -2.32 -15.22
N THR E 30 0.73 -2.84 -16.10
CA THR E 30 -0.70 -2.58 -16.07
C THR E 30 -1.46 -3.85 -15.63
N LYS E 31 -2.73 -3.68 -15.29
CA LYS E 31 -3.53 -4.84 -14.95
C LYS E 31 -3.55 -5.90 -16.04
N PRO E 32 -3.66 -5.58 -17.34
CA PRO E 32 -3.61 -6.67 -18.34
C PRO E 32 -2.30 -7.44 -18.32
N ALA E 33 -1.18 -6.75 -18.12
CA ALA E 33 0.10 -7.46 -18.06
C ALA E 33 0.13 -8.44 -16.89
N ILE E 34 -0.37 -8.03 -15.73
CA ILE E 34 -0.39 -8.92 -14.58
C ILE E 34 -1.28 -10.12 -14.86
N ARG E 35 -2.45 -9.89 -15.46
CA ARG E 35 -3.32 -11.01 -15.80
C ARG E 35 -2.63 -11.98 -16.77
N ARG E 36 -1.91 -11.46 -17.77
CA ARG E 36 -1.25 -12.35 -18.71
C ARG E 36 -0.22 -13.21 -18.00
N LEU E 37 0.55 -12.60 -17.08
CA LEU E 37 1.56 -13.37 -16.36
C LEU E 37 0.92 -14.42 -15.48
N ALA E 38 -0.15 -14.05 -14.77
CA ALA E 38 -0.84 -15.00 -13.90
C ALA E 38 -1.44 -16.15 -14.71
N ARG E 39 -2.08 -15.85 -15.85
CA ARG E 39 -2.60 -16.93 -16.70
C ARG E 39 -1.49 -17.88 -17.11
N ARG E 40 -0.36 -17.33 -17.56
CA ARG E 40 0.75 -18.17 -17.99
C ARG E 40 1.27 -19.06 -16.88
N GLY E 41 1.15 -18.61 -15.63
CA GLY E 41 1.49 -19.44 -14.49
C GLY E 41 0.38 -20.36 -14.01
N GLY E 42 -0.70 -20.48 -14.78
CA GLY E 42 -1.76 -21.41 -14.44
C GLY E 42 -2.78 -20.91 -13.44
N VAL E 43 -2.70 -19.63 -13.03
CA VAL E 43 -3.68 -19.09 -12.08
C VAL E 43 -5.03 -18.94 -12.78
N LYS E 44 -6.10 -19.27 -12.05
CA LYS E 44 -7.46 -19.14 -12.58
C LYS E 44 -8.21 -17.92 -12.06
N ARG E 45 -7.97 -17.53 -10.81
CA ARG E 45 -8.65 -16.39 -10.19
C ARG E 45 -7.67 -15.62 -9.34
N ILE E 46 -7.82 -14.29 -9.33
CA ILE E 46 -6.98 -13.42 -8.52
C ILE E 46 -7.85 -12.46 -7.72
N SER E 47 -7.35 -12.09 -6.55
CA SER E 47 -7.89 -10.94 -5.83
C SER E 47 -7.31 -9.68 -6.45
N GLY E 48 -8.11 -8.62 -6.50
CA GLY E 48 -7.63 -7.33 -6.95
C GLY E 48 -6.38 -6.85 -6.23
N LEU E 49 -6.15 -7.31 -4.99
CA LEU E 49 -4.95 -6.89 -4.28
C LEU E 49 -3.69 -7.48 -4.90
N ILE E 50 -3.83 -8.51 -5.74
CA ILE E 50 -2.69 -9.12 -6.41
C ILE E 50 -1.98 -8.13 -7.34
N TYR E 51 -2.71 -7.17 -7.90
CA TYR E 51 -2.09 -6.28 -8.88
C TYR E 51 -0.96 -5.46 -8.26
N GLU E 52 -1.25 -4.74 -7.17
CA GLU E 52 -0.19 -3.94 -6.55
C GLU E 52 0.89 -4.83 -5.94
N GLU E 53 0.51 -5.97 -5.37
CA GLU E 53 1.52 -6.85 -4.79
C GLU E 53 2.51 -7.29 -5.84
N THR E 54 2.01 -7.69 -7.02
CA THR E 54 2.90 -8.20 -8.06
C THR E 54 3.80 -7.12 -8.61
N ARG E 55 3.25 -5.92 -8.82
CA ARG E 55 4.08 -4.84 -9.35
C ARG E 55 5.20 -4.48 -8.39
N GLY E 56 4.92 -4.46 -7.09
CA GLY E 56 5.96 -4.21 -6.10
C GLY E 56 7.03 -5.30 -6.08
N VAL E 57 6.61 -6.55 -6.19
CA VAL E 57 7.57 -7.66 -6.27
C VAL E 57 8.46 -7.50 -7.50
N LEU E 58 7.88 -7.13 -8.65
CA LEU E 58 8.68 -6.93 -9.85
C LEU E 58 9.64 -5.76 -9.69
N LYS E 59 9.17 -4.68 -9.07
CA LYS E 59 10.03 -3.51 -8.88
C LYS E 59 11.28 -3.88 -8.09
N VAL E 60 11.10 -4.63 -6.99
CA VAL E 60 12.25 -5.00 -6.16
C VAL E 60 13.19 -5.94 -6.91
N PHE E 61 12.63 -6.92 -7.62
CA PHE E 61 13.43 -7.82 -8.46
C PHE E 61 14.29 -7.03 -9.44
N LEU E 62 13.67 -6.08 -10.14
CA LEU E 62 14.41 -5.29 -11.12
C LEU E 62 15.44 -4.40 -10.44
N GLU E 63 15.08 -3.75 -9.32
CA GLU E 63 16.03 -2.90 -8.62
C GLU E 63 17.29 -3.68 -8.28
N ASN E 64 17.13 -4.91 -7.81
CA ASN E 64 18.31 -5.63 -7.35
C ASN E 64 19.15 -6.12 -8.51
N VAL E 65 18.53 -6.60 -9.59
CA VAL E 65 19.35 -7.08 -10.70
C VAL E 65 19.98 -5.91 -11.46
N ILE E 66 19.23 -4.82 -11.63
CA ILE E 66 19.79 -3.67 -12.35
C ILE E 66 20.91 -3.02 -11.55
N ARG E 67 20.76 -2.93 -10.23
CA ARG E 67 21.84 -2.39 -9.40
C ARG E 67 23.15 -3.13 -9.66
N ASP E 68 23.09 -4.46 -9.68
CA ASP E 68 24.29 -5.24 -9.95
C ASP E 68 24.77 -5.06 -11.39
N ALA E 69 23.86 -5.07 -12.36
CA ALA E 69 24.26 -4.89 -13.75
C ALA E 69 25.01 -3.58 -13.93
N VAL E 70 24.50 -2.50 -13.34
CA VAL E 70 25.15 -1.20 -13.48
C VAL E 70 26.49 -1.19 -12.75
N THR E 71 26.60 -1.91 -11.64
CA THR E 71 27.89 -2.01 -10.96
C THR E 71 28.94 -2.68 -11.86
N TYR E 72 28.56 -3.75 -12.55
CA TYR E 72 29.47 -4.32 -13.55
C TYR E 72 29.84 -3.29 -14.60
N THR E 73 28.83 -2.56 -15.12
CA THR E 73 29.10 -1.52 -16.11
C THR E 73 30.13 -0.51 -15.60
N GLU E 74 29.98 -0.08 -14.34
CA GLU E 74 30.90 0.88 -13.76
C GLU E 74 32.30 0.30 -13.65
N HIS E 75 32.41 -0.97 -13.25
CA HIS E 75 33.74 -1.54 -13.15
C HIS E 75 34.38 -1.80 -14.50
N ALA E 76 33.58 -1.90 -15.55
CA ALA E 76 34.12 -1.98 -16.90
C ALA E 76 34.49 -0.61 -17.46
N LYS E 77 34.25 0.46 -16.70
CA LYS E 77 34.61 1.84 -17.07
C LYS E 77 33.89 2.31 -18.34
N ARG E 78 32.60 2.02 -18.44
CA ARG E 78 31.84 2.54 -19.57
C ARG E 78 30.47 2.96 -19.08
N LYS E 79 29.64 3.44 -20.02
CA LYS E 79 28.34 4.00 -19.70
C LYS E 79 27.22 3.25 -20.41
N THR E 80 27.51 2.09 -20.96
CA THR E 80 26.55 1.27 -21.68
C THR E 80 26.42 -0.06 -20.96
N VAL E 81 25.22 -0.37 -20.49
CA VAL E 81 24.95 -1.67 -19.88
C VAL E 81 24.81 -2.69 -21.02
N THR E 82 25.70 -3.67 -21.05
CA THR E 82 25.72 -4.63 -22.14
C THR E 82 24.94 -5.89 -21.76
N ALA E 83 24.65 -6.70 -22.77
CA ALA E 83 24.04 -8.00 -22.51
C ALA E 83 24.87 -8.81 -21.50
N MET E 84 26.21 -8.79 -21.63
CA MET E 84 27.02 -9.60 -20.72
C MET E 84 27.00 -9.04 -19.30
N ASP E 85 26.89 -7.72 -19.13
CA ASP E 85 26.71 -7.16 -17.79
C ASP E 85 25.46 -7.75 -17.15
N VAL E 86 24.38 -7.83 -17.91
CA VAL E 86 23.13 -8.39 -17.39
C VAL E 86 23.30 -9.88 -17.10
N VAL E 87 24.02 -10.59 -17.97
CA VAL E 87 24.31 -12.01 -17.72
C VAL E 87 24.98 -12.17 -16.36
N TYR E 88 26.02 -11.37 -16.08
CA TYR E 88 26.70 -11.53 -14.81
C TYR E 88 25.79 -11.14 -13.65
N ALA E 89 24.94 -10.12 -13.85
CA ALA E 89 23.99 -9.75 -12.80
C ALA E 89 22.99 -10.87 -12.53
N LEU E 90 22.53 -11.55 -13.59
CA LEU E 90 21.56 -12.64 -13.40
C LEU E 90 22.23 -13.85 -12.77
N LYS E 91 23.49 -14.13 -13.12
CA LYS E 91 24.24 -15.17 -12.44
C LYS E 91 24.32 -14.89 -10.95
N ARG E 92 24.66 -13.65 -10.61
CA ARG E 92 24.82 -13.29 -9.20
C ARG E 92 23.49 -13.36 -8.47
N GLN E 93 22.43 -12.88 -9.11
CA GLN E 93 21.09 -12.91 -8.52
C GLN E 93 20.67 -14.33 -8.17
N GLY E 94 20.93 -15.28 -9.08
CA GLY E 94 20.62 -16.68 -8.79
C GLY E 94 21.28 -17.19 -7.53
N ARG E 95 22.47 -16.69 -7.22
CA ARG E 95 23.21 -17.12 -6.04
C ARG E 95 22.87 -16.31 -4.79
N THR E 96 22.10 -15.22 -4.91
CA THR E 96 21.82 -14.36 -3.78
C THR E 96 20.33 -14.15 -3.52
N LEU E 97 19.48 -14.15 -4.55
CA LEU E 97 18.06 -13.87 -4.38
C LEU E 97 17.38 -14.84 -3.41
N TYR E 98 17.88 -16.06 -3.31
CA TYR E 98 17.15 -17.09 -2.57
C TYR E 98 17.95 -17.58 -1.37
N PRO F 2 -18.69 -22.19 0.51
CA PRO F 2 -19.00 -21.75 -0.85
C PRO F 2 -19.14 -20.24 -0.98
N LEU F 3 -19.32 -19.52 0.13
CA LEU F 3 -19.17 -18.07 0.06
C LEU F 3 -17.70 -17.73 -0.15
N GLU F 4 -17.45 -16.70 -0.95
CA GLU F 4 -16.09 -16.28 -1.24
C GLU F 4 -15.46 -15.62 -0.03
N GLU F 5 -14.18 -15.89 0.17
CA GLU F 5 -13.43 -15.26 1.26
C GLU F 5 -12.99 -13.86 0.88
N GLU F 6 -12.65 -13.65 -0.38
CA GLU F 6 -12.19 -12.36 -0.88
C GLU F 6 -13.35 -11.63 -1.54
N GLU F 7 -13.30 -10.29 -1.50
CA GLU F 7 -14.41 -9.50 -2.00
C GLU F 7 -14.22 -9.05 -3.43
N ASP F 8 -12.99 -9.03 -3.92
CA ASP F 8 -12.64 -8.49 -5.23
C ASP F 8 -12.00 -9.56 -6.12
N GLY F 9 -12.51 -10.79 -6.04
CA GLY F 9 -12.00 -11.84 -6.91
C GLY F 9 -12.36 -11.60 -8.36
N GLU F 10 -11.47 -12.03 -9.24
CA GLU F 10 -11.61 -11.79 -10.68
C GLU F 10 -11.29 -13.07 -11.42
N GLU F 11 -12.18 -13.49 -12.32
CA GLU F 11 -11.94 -14.66 -13.15
C GLU F 11 -10.97 -14.29 -14.27
N LEU F 12 -9.88 -15.05 -14.40
CA LEU F 12 -8.93 -14.76 -15.47
C LEU F 12 -9.36 -15.35 -16.80
N ILE F 13 -10.05 -16.48 -16.81
CA ILE F 13 -10.50 -17.10 -18.05
C ILE F 13 -11.99 -16.83 -18.18
N GLY F 14 -12.37 -15.95 -19.09
CA GLY F 14 -13.77 -15.63 -19.22
C GLY F 14 -13.99 -14.64 -20.33
N ASP F 15 -15.23 -14.17 -20.43
CA ASP F 15 -15.63 -13.29 -21.52
C ASP F 15 -14.79 -12.02 -21.49
N GLY F 16 -14.33 -11.61 -22.67
CA GLY F 16 -13.51 -10.44 -22.81
C GLY F 16 -12.02 -10.65 -22.62
N MET F 17 -11.58 -11.88 -22.35
CA MET F 17 -10.16 -12.07 -22.13
C MET F 17 -9.35 -11.72 -23.38
N GLU F 18 -9.95 -11.80 -24.57
CA GLU F 18 -9.24 -11.41 -25.79
C GLU F 18 -8.72 -9.98 -25.73
N ARG F 19 -9.36 -9.12 -24.92
CA ARG F 19 -8.90 -7.74 -24.86
C ARG F 19 -7.46 -7.65 -24.32
N ASP F 20 -7.05 -8.60 -23.49
CA ASP F 20 -5.68 -8.58 -22.97
C ASP F 20 -4.63 -9.01 -24.00
N TYR F 21 -5.02 -9.51 -25.18
CA TYR F 21 -4.05 -10.03 -26.13
C TYR F 21 -4.05 -9.22 -27.43
N ARG F 22 -4.56 -7.98 -27.36
CA ARG F 22 -4.54 -7.05 -28.47
C ARG F 22 -3.11 -6.72 -28.88
N ALA F 23 -2.86 -6.64 -30.19
CA ALA F 23 -1.58 -6.13 -30.67
C ALA F 23 -1.59 -4.61 -30.51
N ILE F 24 -0.52 -4.06 -29.94
CA ILE F 24 -0.37 -2.61 -29.82
C ILE F 24 1.01 -2.25 -30.36
N PRO F 25 1.13 -1.97 -31.66
CA PRO F 25 2.46 -1.78 -32.26
C PRO F 25 3.30 -0.71 -31.58
N GLU F 26 2.67 0.37 -31.10
CA GLU F 26 3.40 1.44 -30.42
C GLU F 26 4.15 0.92 -29.19
N LEU F 27 3.63 -0.13 -28.57
CA LEU F 27 4.19 -0.65 -27.34
C LEU F 27 4.97 -1.95 -27.52
N ASP F 28 4.89 -2.59 -28.69
CA ASP F 28 5.33 -3.96 -28.83
C ASP F 28 6.77 -4.07 -29.33
N ALA F 29 7.53 -2.97 -29.31
CA ALA F 29 8.94 -3.01 -29.70
C ALA F 29 9.69 -2.05 -28.80
N TYR F 30 10.96 -2.38 -28.53
CA TYR F 30 11.80 -1.41 -27.85
C TYR F 30 12.01 -0.20 -28.75
N GLU F 31 12.10 0.97 -28.12
CA GLU F 31 12.33 2.21 -28.87
C GLU F 31 13.83 2.50 -28.88
N ALA F 32 14.26 3.33 -29.83
CA ALA F 32 15.70 3.58 -29.96
C ALA F 32 16.25 4.37 -28.78
N GLU F 33 15.43 5.20 -28.15
CA GLU F 33 15.92 6.07 -27.10
C GLU F 33 16.49 5.25 -25.93
N GLY F 34 17.70 5.63 -25.50
CA GLY F 34 18.35 4.93 -24.42
C GLY F 34 19.11 3.69 -24.83
N LEU F 35 19.07 3.31 -26.11
CA LEU F 35 19.76 2.12 -26.56
C LEU F 35 21.09 2.49 -27.19
N ALA F 36 22.04 1.58 -27.09
CA ALA F 36 23.34 1.77 -27.73
C ALA F 36 23.18 1.64 -29.24
N LEU F 37 23.53 2.70 -29.96
CA LEU F 37 23.32 2.78 -31.41
C LEU F 37 24.59 2.57 -32.21
N ASP F 38 25.70 2.23 -31.55
CA ASP F 38 26.95 1.90 -32.21
C ASP F 38 27.56 0.70 -31.48
N ASP F 39 28.74 0.29 -31.92
CA ASP F 39 29.51 -0.77 -31.27
C ASP F 39 30.67 -0.20 -30.46
N GLU F 40 30.63 1.08 -30.12
CA GLU F 40 31.71 1.73 -29.39
C GLU F 40 31.55 1.49 -27.90
N ASP F 41 32.67 1.20 -27.23
CA ASP F 41 32.77 1.16 -25.78
C ASP F 41 31.72 0.23 -25.16
N VAL F 42 31.76 -1.03 -25.58
CA VAL F 42 30.92 -2.06 -24.99
C VAL F 42 31.75 -3.30 -24.69
N GLU F 43 33.06 -3.11 -24.51
CA GLU F 43 33.93 -4.27 -24.34
C GLU F 43 33.54 -5.09 -23.11
N GLU F 44 33.72 -6.40 -23.20
CA GLU F 44 33.39 -7.29 -22.09
C GLU F 44 34.22 -6.97 -20.86
N LEU F 45 33.60 -7.09 -19.70
CA LEU F 45 34.33 -7.08 -18.42
C LEU F 45 35.56 -7.95 -18.54
N THR F 46 36.70 -7.43 -18.12
CA THR F 46 37.84 -8.33 -17.95
C THR F 46 37.63 -9.17 -16.69
N ALA F 47 38.46 -10.20 -16.53
CA ALA F 47 38.39 -11.03 -15.34
C ALA F 47 38.61 -10.22 -14.06
N SER F 48 39.60 -9.33 -14.05
CA SER F 48 39.85 -8.56 -12.82
C SER F 48 38.75 -7.54 -12.55
N GLN F 49 38.14 -6.98 -13.59
CA GLN F 49 37.02 -6.06 -13.37
C GLN F 49 35.82 -6.77 -12.78
N ARG F 50 35.50 -7.97 -13.28
CA ARG F 50 34.41 -8.72 -12.69
C ARG F 50 34.69 -9.07 -11.24
N GLU F 51 35.91 -9.53 -10.94
CA GLU F 51 36.24 -9.89 -9.57
C GLU F 51 36.15 -8.67 -8.65
N ALA F 52 36.63 -7.51 -9.12
CA ALA F 52 36.57 -6.31 -8.29
C ALA F 52 35.14 -5.88 -8.05
N ALA F 53 34.28 -5.98 -9.07
CA ALA F 53 32.86 -5.64 -8.90
C ALA F 53 32.21 -6.56 -7.87
N GLU F 54 32.53 -7.84 -7.91
CA GLU F 54 31.85 -8.77 -7.02
C GLU F 54 32.35 -8.63 -5.59
N ARG F 55 33.62 -8.27 -5.40
CA ARG F 55 34.09 -7.97 -4.05
C ARG F 55 33.37 -6.75 -3.50
N ALA F 56 33.16 -5.75 -4.36
CA ALA F 56 32.44 -4.55 -3.92
C ALA F 56 31.00 -4.90 -3.57
N MET F 57 30.34 -5.73 -4.37
CA MET F 57 28.94 -6.01 -4.07
C MET F 57 28.81 -6.93 -2.86
N ARG F 58 29.77 -7.81 -2.63
CA ARG F 58 29.75 -8.60 -1.40
C ARG F 58 29.86 -7.69 -0.19
N GLN F 59 30.78 -6.74 -0.23
CA GLN F 59 30.92 -5.75 0.84
C GLN F 59 29.62 -5.00 1.05
N ARG F 60 29.03 -4.53 -0.05
CA ARG F 60 27.80 -3.75 0.00
C ARG F 60 26.68 -4.56 0.65
N ASP F 61 26.53 -5.83 0.23
CA ASP F 61 25.50 -6.70 0.79
C ASP F 61 25.71 -6.95 2.28
N ARG F 62 26.96 -7.19 2.69
CA ARG F 62 27.19 -7.46 4.11
C ARG F 62 27.12 -6.20 4.96
N GLU F 63 27.08 -5.02 4.34
CA GLU F 63 26.86 -3.77 5.06
C GLU F 63 25.40 -3.37 5.14
N ALA F 64 24.56 -3.89 4.23
CA ALA F 64 23.17 -3.43 4.15
C ALA F 64 22.27 -4.13 5.16
N GLY F 65 22.14 -5.46 5.06
CA GLY F 65 21.25 -6.20 5.93
C GLY F 65 21.61 -7.67 6.08
N THR G 2 -17.79 0.57 10.23
CA THR G 2 -18.08 1.71 9.38
C THR G 2 -19.51 1.61 8.85
N GLU G 3 -19.84 2.49 7.91
CA GLU G 3 -21.12 2.45 7.20
C GLU G 3 -21.18 1.30 6.19
N LEU G 4 -20.09 0.60 5.99
CA LEU G 4 -20.00 -0.42 4.94
C LEU G 4 -20.69 -1.70 5.40
N LEU G 5 -21.69 -2.16 4.64
CA LEU G 5 -22.23 -3.48 4.92
C LEU G 5 -22.14 -4.42 3.74
N ILE G 6 -23.05 -4.30 2.76
CA ILE G 6 -22.92 -5.05 1.51
C ILE G 6 -22.27 -4.12 0.49
N ARG G 7 -21.31 -4.63 -0.29
CA ARG G 7 -20.71 -3.80 -1.31
C ARG G 7 -21.77 -3.40 -2.34
N LYS G 8 -21.71 -2.13 -2.75
CA LYS G 8 -22.75 -1.57 -3.61
C LYS G 8 -22.80 -2.25 -4.98
N LEU G 9 -21.66 -2.33 -5.66
CA LEU G 9 -21.70 -2.90 -7.01
C LEU G 9 -22.16 -4.34 -6.99
N PRO G 10 -21.61 -5.23 -6.16
CA PRO G 10 -22.13 -6.60 -6.13
C PRO G 10 -23.62 -6.66 -5.79
N PHE G 11 -24.09 -5.81 -4.88
CA PHE G 11 -25.52 -5.82 -4.57
C PHE G 11 -26.35 -5.45 -5.80
N GLN G 12 -25.95 -4.40 -6.52
CA GLN G 12 -26.66 -4.02 -7.73
C GLN G 12 -26.70 -5.16 -8.75
N ARG G 13 -25.58 -5.87 -8.93
CA ARG G 13 -25.57 -6.93 -9.92
C ARG G 13 -26.44 -8.11 -9.48
N LEU G 14 -26.47 -8.40 -8.19
CA LEU G 14 -27.35 -9.46 -7.69
C LEU G 14 -28.82 -9.11 -7.91
N VAL G 15 -29.20 -7.86 -7.62
CA VAL G 15 -30.57 -7.41 -7.87
C VAL G 15 -30.92 -7.59 -9.34
N ARG G 16 -30.04 -7.14 -10.23
CA ARG G 16 -30.32 -7.25 -11.66
C ARG G 16 -30.42 -8.71 -12.11
N GLU G 17 -29.58 -9.59 -11.55
CA GLU G 17 -29.63 -10.99 -11.97
C GLU G 17 -30.92 -11.66 -11.49
N ILE G 18 -31.32 -11.38 -10.25
CA ILE G 18 -32.58 -11.92 -9.74
C ILE G 18 -33.73 -11.43 -10.61
N ALA G 19 -33.72 -10.15 -10.96
CA ALA G 19 -34.83 -9.57 -11.72
C ALA G 19 -34.93 -10.15 -13.11
N GLN G 20 -33.79 -10.59 -13.67
CA GLN G 20 -33.75 -11.22 -14.98
C GLN G 20 -34.73 -12.37 -15.08
N ASP G 21 -34.90 -13.13 -14.00
CA ASP G 21 -35.79 -14.28 -14.02
C ASP G 21 -37.25 -13.88 -14.13
N PHE G 22 -37.58 -12.62 -13.82
CA PHE G 22 -38.97 -12.17 -13.86
C PHE G 22 -39.29 -11.38 -15.11
N LYS G 23 -38.36 -10.56 -15.61
CA LYS G 23 -38.62 -9.75 -16.78
C LYS G 23 -37.29 -9.42 -17.46
N THR G 24 -37.27 -9.57 -18.78
CA THR G 24 -36.06 -9.25 -19.53
C THR G 24 -35.99 -7.76 -19.83
N ASP G 25 -34.77 -7.28 -20.05
CA ASP G 25 -34.52 -5.92 -20.55
C ASP G 25 -34.95 -4.84 -19.56
N LEU G 26 -34.94 -5.14 -18.28
CA LEU G 26 -35.22 -4.14 -17.26
C LEU G 26 -34.06 -3.19 -17.06
N ARG G 27 -34.40 -1.95 -16.71
CA ARG G 27 -33.48 -1.01 -16.09
C ARG G 27 -34.03 -0.61 -14.72
N PHE G 28 -33.15 -0.11 -13.87
CA PHE G 28 -33.52 0.33 -12.52
C PHE G 28 -33.14 1.80 -12.33
N GLN G 29 -34.00 2.56 -11.65
CA GLN G 29 -33.54 3.84 -11.12
C GLN G 29 -32.51 3.58 -10.03
N SER G 30 -31.48 4.42 -9.97
CA SER G 30 -30.46 4.23 -8.92
C SER G 30 -31.10 4.18 -7.53
N ALA G 31 -32.13 5.01 -7.30
CA ALA G 31 -32.78 5.03 -5.99
C ALA G 31 -33.56 3.76 -5.73
N ALA G 32 -34.00 3.06 -6.78
CA ALA G 32 -34.66 1.76 -6.57
C ALA G 32 -33.67 0.74 -6.03
N ILE G 33 -32.47 0.66 -6.62
CA ILE G 33 -31.44 -0.23 -6.06
C ILE G 33 -31.13 0.18 -4.63
N GLY G 34 -30.94 1.48 -4.41
CA GLY G 34 -30.56 1.97 -3.10
C GLY G 34 -31.58 1.63 -2.03
N ALA G 35 -32.87 1.72 -2.36
CA ALA G 35 -33.90 1.38 -1.39
C ALA G 35 -33.89 -0.12 -1.10
N LEU G 36 -33.68 -0.93 -2.14
CA LEU G 36 -33.57 -2.36 -1.94
C LEU G 36 -32.40 -2.70 -1.03
N GLN G 37 -31.28 -1.98 -1.21
CA GLN G 37 -30.11 -2.25 -0.39
C GLN G 37 -30.35 -1.87 1.06
N GLU G 38 -30.91 -0.67 1.29
CA GLU G 38 -31.24 -0.23 2.64
C GLU G 38 -32.17 -1.22 3.32
N ALA G 39 -33.22 -1.66 2.62
CA ALA G 39 -34.16 -2.60 3.21
C ALA G 39 -33.50 -3.94 3.51
N SER G 40 -32.68 -4.43 2.58
CA SER G 40 -31.99 -5.70 2.75
C SER G 40 -31.06 -5.66 3.93
N GLU G 41 -30.29 -4.58 4.05
CA GLU G 41 -29.33 -4.49 5.15
C GLU G 41 -30.05 -4.32 6.48
N ALA G 42 -31.11 -3.52 6.53
CA ALA G 42 -31.87 -3.39 7.77
C ALA G 42 -32.48 -4.73 8.17
N TYR G 43 -32.96 -5.49 7.19
CA TYR G 43 -33.54 -6.79 7.48
C TYR G 43 -32.50 -7.74 8.07
N LEU G 44 -31.34 -7.84 7.43
CA LEU G 44 -30.32 -8.77 7.90
C LEU G 44 -29.75 -8.33 9.25
N VAL G 45 -29.53 -7.03 9.45
CA VAL G 45 -29.00 -6.59 10.73
C VAL G 45 -29.99 -6.89 11.85
N GLY G 46 -31.28 -6.63 11.63
CA GLY G 46 -32.28 -6.95 12.64
C GLY G 46 -32.37 -8.45 12.90
N LEU G 47 -32.25 -9.26 11.85
CA LEU G 47 -32.28 -10.70 12.03
C LEU G 47 -31.07 -11.17 12.83
N PHE G 48 -29.89 -10.58 12.59
CA PHE G 48 -28.73 -10.95 13.41
C PHE G 48 -28.91 -10.52 14.86
N GLU G 49 -29.52 -9.36 15.11
CA GLU G 49 -29.80 -8.96 16.49
C GLU G 49 -30.70 -9.99 17.18
N ASP G 50 -31.75 -10.42 16.48
CA ASP G 50 -32.70 -11.38 17.05
C ASP G 50 -32.06 -12.77 17.21
N THR G 51 -31.28 -13.18 16.21
CA THR G 51 -30.50 -14.41 16.31
C THR G 51 -29.56 -14.39 17.52
N ASN G 52 -28.87 -13.26 17.74
CA ASN G 52 -27.99 -13.15 18.90
C ASN G 52 -28.76 -13.34 20.21
N LEU G 53 -29.97 -12.76 20.30
CA LEU G 53 -30.79 -12.92 21.49
C LEU G 53 -31.13 -14.38 21.74
N CYS G 54 -31.47 -15.11 20.67
CA CYS G 54 -31.74 -16.54 20.79
C CYS G 54 -30.51 -17.30 21.31
N ALA G 55 -29.32 -16.95 20.81
CA ALA G 55 -28.10 -17.59 21.28
C ALA G 55 -27.84 -17.28 22.74
N ILE G 56 -28.04 -16.03 23.14
CA ILE G 56 -27.86 -15.64 24.53
C ILE G 56 -28.84 -16.42 25.42
N HIS G 57 -30.08 -16.57 24.98
CA HIS G 57 -31.04 -17.34 25.75
C HIS G 57 -30.56 -18.75 25.99
N ALA G 58 -29.92 -19.36 24.99
CA ALA G 58 -29.33 -20.68 25.11
C ALA G 58 -27.95 -20.66 25.75
N LYS G 59 -27.58 -19.54 26.39
CA LYS G 59 -26.31 -19.40 27.10
C LYS G 59 -25.11 -19.63 26.19
N ARG G 60 -25.17 -19.09 24.97
CA ARG G 60 -24.07 -19.21 24.03
C ARG G 60 -23.73 -17.84 23.44
N VAL G 61 -22.46 -17.66 23.10
CA VAL G 61 -22.00 -16.47 22.39
C VAL G 61 -21.84 -16.70 20.89
N THR G 62 -21.66 -17.95 20.46
CA THR G 62 -21.53 -18.29 19.05
C THR G 62 -22.92 -18.54 18.47
N ILE G 63 -23.30 -17.78 17.45
CA ILE G 63 -24.62 -18.00 16.85
C ILE G 63 -24.51 -19.14 15.85
N MET G 64 -25.59 -19.90 15.74
CA MET G 64 -25.65 -21.10 14.93
C MET G 64 -26.84 -21.00 13.99
N PRO G 65 -26.86 -21.78 12.90
CA PRO G 65 -28.05 -21.77 12.02
C PRO G 65 -29.35 -21.97 12.77
N LYS G 66 -29.35 -22.78 13.83
CA LYS G 66 -30.58 -23.01 14.58
C LYS G 66 -31.07 -21.74 15.26
N ASP G 67 -30.16 -20.84 15.63
CA ASP G 67 -30.58 -19.56 16.18
C ASP G 67 -31.24 -18.68 15.13
N ILE G 68 -30.72 -18.69 13.89
CA ILE G 68 -31.38 -17.92 12.83
C ILE G 68 -32.78 -18.45 12.59
N GLN G 69 -32.92 -19.78 12.57
CA GLN G 69 -34.21 -20.39 12.29
C GLN G 69 -35.21 -20.12 13.41
N LEU G 70 -34.77 -20.20 14.67
CA LEU G 70 -35.67 -19.89 15.77
C LEU G 70 -36.08 -18.42 15.76
N ALA G 71 -35.13 -17.52 15.49
CA ALA G 71 -35.49 -16.11 15.37
C ALA G 71 -36.53 -15.89 14.28
N ARG G 72 -36.32 -16.50 13.11
CA ARG G 72 -37.28 -16.34 12.01
C ARG G 72 -38.66 -16.89 12.39
N ARG G 73 -38.71 -17.99 13.13
CA ARG G 73 -40.02 -18.51 13.51
C ARG G 73 -40.71 -17.60 14.51
N ILE G 74 -39.98 -17.08 15.50
CA ILE G 74 -40.58 -16.11 16.44
C ILE G 74 -41.05 -14.87 15.68
N ARG G 75 -40.30 -14.46 14.65
CA ARG G 75 -40.65 -13.30 13.84
C ARG G 75 -41.84 -13.56 12.93
N GLY G 76 -42.30 -14.81 12.80
CA GLY G 76 -43.45 -15.07 11.94
C GLY G 76 -43.12 -15.24 10.47
N GLU G 77 -41.85 -15.45 10.14
CA GLU G 77 -41.42 -15.71 8.78
C GLU G 77 -41.61 -17.18 8.42
N ARG G 78 -41.63 -17.46 7.12
CA ARG G 78 -41.72 -18.85 6.67
C ARG G 78 -40.41 -19.58 6.93
N ALA G 79 -40.45 -20.90 6.80
CA ALA G 79 -39.28 -21.73 7.06
C ALA G 79 -38.28 -21.65 5.91
N VAL H 21 -26.45 -12.31 -20.42
CA VAL H 21 -27.14 -12.73 -19.21
C VAL H 21 -26.21 -12.67 -18.01
N LEU H 22 -26.74 -12.19 -16.88
CA LEU H 22 -25.98 -12.17 -15.65
C LEU H 22 -26.01 -13.56 -15.00
N ARG H 23 -24.87 -13.98 -14.45
CA ARG H 23 -24.74 -15.30 -13.87
C ARG H 23 -23.84 -15.22 -12.64
N ASP H 24 -24.19 -16.02 -11.62
CA ASP H 24 -23.38 -16.27 -10.42
C ASP H 24 -23.11 -15.01 -9.60
N ASN H 25 -23.99 -14.02 -9.70
CA ASN H 25 -23.79 -12.84 -8.86
C ASN H 25 -24.15 -13.09 -7.40
N ILE H 26 -24.71 -14.26 -7.07
CA ILE H 26 -24.84 -14.64 -5.67
C ILE H 26 -23.47 -14.69 -5.00
N GLN H 27 -22.41 -14.89 -5.79
CA GLN H 27 -21.06 -14.92 -5.23
C GLN H 27 -20.59 -13.54 -4.77
N GLY H 28 -21.34 -12.49 -5.06
CA GLY H 28 -21.06 -11.15 -4.56
C GLY H 28 -21.45 -10.92 -3.11
N ILE H 29 -22.22 -11.82 -2.52
CA ILE H 29 -22.48 -11.80 -1.08
C ILE H 29 -21.41 -12.68 -0.45
N THR H 30 -20.39 -12.04 0.11
CA THR H 30 -19.16 -12.71 0.50
C THR H 30 -19.09 -12.89 2.02
N LYS H 31 -18.11 -13.67 2.47
CA LYS H 31 -17.93 -13.81 3.91
C LYS H 31 -17.67 -12.47 4.61
N PRO H 32 -16.81 -11.56 4.12
CA PRO H 32 -16.66 -10.29 4.83
C PRO H 32 -17.96 -9.50 4.94
N ALA H 33 -18.82 -9.52 3.90
CA ALA H 33 -20.10 -8.83 4.01
C ALA H 33 -20.97 -9.41 5.12
N ILE H 34 -21.03 -10.73 5.21
CA ILE H 34 -21.81 -11.37 6.27
C ILE H 34 -21.26 -10.99 7.64
N ARG H 35 -19.93 -11.04 7.80
CA ARG H 35 -19.33 -10.63 9.07
C ARG H 35 -19.68 -9.19 9.41
N ARG H 36 -19.61 -8.28 8.43
CA ARG H 36 -19.95 -6.87 8.72
C ARG H 36 -21.39 -6.75 9.19
N LEU H 37 -22.30 -7.47 8.54
CA LEU H 37 -23.71 -7.42 8.93
C LEU H 37 -23.91 -7.98 10.33
N ALA H 38 -23.30 -9.12 10.61
CA ALA H 38 -23.43 -9.72 11.94
C ALA H 38 -22.85 -8.82 13.03
N ARG H 39 -21.68 -8.21 12.77
CA ARG H 39 -21.11 -7.30 13.76
C ARG H 39 -22.04 -6.14 14.03
N ARG H 40 -22.64 -5.59 12.98
CA ARG H 40 -23.56 -4.46 13.13
C ARG H 40 -24.78 -4.86 13.94
N GLY H 41 -25.16 -6.13 13.90
CA GLY H 41 -26.22 -6.66 14.73
C GLY H 41 -25.80 -7.09 16.11
N GLY H 42 -24.55 -6.81 16.50
CA GLY H 42 -24.11 -7.09 17.86
C GLY H 42 -23.56 -8.48 18.07
N VAL H 43 -23.46 -9.29 17.02
CA VAL H 43 -22.94 -10.63 17.16
C VAL H 43 -21.44 -10.59 17.42
N LYS H 44 -20.97 -11.45 18.33
CA LYS H 44 -19.56 -11.54 18.66
C LYS H 44 -18.87 -12.73 18.00
N ARG H 45 -19.59 -13.83 17.81
CA ARG H 45 -19.00 -15.07 17.32
C ARG H 45 -20.00 -15.75 16.39
N ILE H 46 -19.50 -16.34 15.30
CA ILE H 46 -20.36 -17.07 14.40
C ILE H 46 -19.81 -18.47 14.14
N SER H 47 -20.72 -19.39 13.89
CA SER H 47 -20.37 -20.67 13.30
C SER H 47 -20.20 -20.49 11.78
N GLY H 48 -19.26 -21.23 11.21
CA GLY H 48 -19.04 -21.14 9.77
C GLY H 48 -20.28 -21.46 8.95
N LEU H 49 -21.19 -22.26 9.50
CA LEU H 49 -22.43 -22.57 8.79
C LEU H 49 -23.36 -21.37 8.65
N ILE H 50 -23.12 -20.30 9.41
CA ILE H 50 -23.92 -19.07 9.31
C ILE H 50 -23.81 -18.46 7.92
N TYR H 51 -22.67 -18.62 7.25
CA TYR H 51 -22.44 -17.92 5.98
C TYR H 51 -23.46 -18.34 4.93
N GLU H 52 -23.56 -19.64 4.65
CA GLU H 52 -24.50 -20.11 3.64
C GLU H 52 -25.94 -19.84 4.09
N GLU H 53 -26.21 -20.00 5.39
CA GLU H 53 -27.56 -19.78 5.88
C GLU H 53 -28.00 -18.34 5.66
N THR H 54 -27.12 -17.38 5.96
CA THR H 54 -27.48 -15.97 5.77
C THR H 54 -27.64 -15.64 4.31
N ARG H 55 -26.76 -16.16 3.46
CA ARG H 55 -26.89 -15.86 2.05
C ARG H 55 -28.20 -16.40 1.51
N GLY H 56 -28.60 -17.60 1.95
CA GLY H 56 -29.87 -18.14 1.50
C GLY H 56 -31.07 -17.33 1.98
N VAL H 57 -31.00 -16.82 3.21
CA VAL H 57 -32.05 -15.96 3.72
C VAL H 57 -32.15 -14.68 2.90
N LEU H 58 -31.01 -14.06 2.58
CA LEU H 58 -31.03 -12.83 1.79
C LEU H 58 -31.59 -13.09 0.39
N LYS H 59 -31.18 -14.20 -0.24
CA LYS H 59 -31.66 -14.50 -1.58
C LYS H 59 -33.18 -14.62 -1.62
N VAL H 60 -33.78 -15.27 -0.63
CA VAL H 60 -35.24 -15.42 -0.60
C VAL H 60 -35.89 -14.06 -0.40
N PHE H 61 -35.37 -13.28 0.55
CA PHE H 61 -35.86 -11.92 0.79
C PHE H 61 -35.86 -11.10 -0.50
N LEU H 62 -34.71 -11.09 -1.20
CA LEU H 62 -34.59 -10.30 -2.43
C LEU H 62 -35.51 -10.81 -3.52
N GLU H 63 -35.51 -12.14 -3.75
CA GLU H 63 -36.38 -12.73 -4.77
C GLU H 63 -37.82 -12.27 -4.59
N ASN H 64 -38.30 -12.27 -3.35
CA ASN H 64 -39.71 -11.98 -3.11
C ASN H 64 -40.01 -10.49 -3.28
N VAL H 65 -39.15 -9.60 -2.76
CA VAL H 65 -39.41 -8.17 -2.94
C VAL H 65 -39.25 -7.78 -4.40
N ILE H 66 -38.22 -8.31 -5.07
CA ILE H 66 -37.99 -7.93 -6.46
C ILE H 66 -39.13 -8.44 -7.35
N ARG H 67 -39.59 -9.68 -7.12
CA ARG H 67 -40.74 -10.19 -7.87
C ARG H 67 -41.91 -9.20 -7.82
N ASP H 68 -42.21 -8.69 -6.63
CA ASP H 68 -43.33 -7.75 -6.47
C ASP H 68 -43.02 -6.41 -7.13
N ALA H 69 -41.81 -5.88 -6.91
CA ALA H 69 -41.44 -4.62 -7.55
C ALA H 69 -41.60 -4.69 -9.06
N VAL H 70 -41.12 -5.79 -9.67
CA VAL H 70 -41.20 -5.93 -11.12
C VAL H 70 -42.65 -6.13 -11.57
N THR H 71 -43.48 -6.71 -10.71
CA THR H 71 -44.91 -6.80 -11.03
C THR H 71 -45.53 -5.41 -11.13
N TYR H 72 -45.19 -4.53 -10.19
CA TYR H 72 -45.64 -3.13 -10.31
C TYR H 72 -45.13 -2.51 -11.60
N THR H 73 -43.85 -2.71 -11.91
CA THR H 73 -43.29 -2.15 -13.14
C THR H 73 -44.08 -2.60 -14.36
N GLU H 74 -44.39 -3.90 -14.43
CA GLU H 74 -45.12 -4.44 -15.57
C GLU H 74 -46.51 -3.81 -15.69
N HIS H 75 -47.19 -3.62 -14.55
CA HIS H 75 -48.54 -3.07 -14.58
C HIS H 75 -48.53 -1.58 -14.91
N ALA H 76 -47.39 -0.91 -14.71
CA ALA H 76 -47.20 0.46 -15.19
C ALA H 76 -46.82 0.51 -16.65
N LYS H 77 -46.68 -0.65 -17.32
CA LYS H 77 -46.36 -0.72 -18.75
C LYS H 77 -45.06 -0.01 -19.09
N ARG H 78 -44.03 -0.19 -18.26
CA ARG H 78 -42.72 0.32 -18.62
C ARG H 78 -41.67 -0.75 -18.30
N LYS H 79 -40.42 -0.43 -18.59
CA LYS H 79 -39.31 -1.35 -18.44
C LYS H 79 -38.29 -0.84 -17.43
N THR H 80 -38.62 0.21 -16.70
CA THR H 80 -37.73 0.77 -15.69
C THR H 80 -38.38 0.55 -14.34
N VAL H 81 -37.68 -0.15 -13.45
CA VAL H 81 -38.12 -0.30 -12.07
C VAL H 81 -37.79 1.00 -11.34
N THR H 82 -38.81 1.66 -10.80
CA THR H 82 -38.60 2.96 -10.19
C THR H 82 -38.52 2.83 -8.67
N ALA H 83 -38.03 3.89 -8.04
CA ALA H 83 -38.02 3.93 -6.58
C ALA H 83 -39.41 3.68 -6.02
N MET H 84 -40.45 4.26 -6.62
CA MET H 84 -41.79 4.05 -6.09
C MET H 84 -42.27 2.61 -6.28
N ASP H 85 -41.88 1.95 -7.39
CA ASP H 85 -42.20 0.53 -7.52
C ASP H 85 -41.65 -0.25 -6.33
N VAL H 86 -40.41 0.05 -5.94
CA VAL H 86 -39.80 -0.62 -4.81
C VAL H 86 -40.52 -0.23 -3.52
N VAL H 87 -40.90 1.04 -3.38
CA VAL H 87 -41.66 1.47 -2.21
C VAL H 87 -42.92 0.63 -2.05
N TYR H 88 -43.70 0.48 -3.13
CA TYR H 88 -44.92 -0.32 -3.01
C TYR H 88 -44.59 -1.79 -2.72
N ALA H 89 -43.51 -2.31 -3.30
CA ALA H 89 -43.14 -3.69 -3.00
C ALA H 89 -42.75 -3.84 -1.53
N LEU H 90 -42.03 -2.85 -0.98
CA LEU H 90 -41.67 -2.94 0.43
C LEU H 90 -42.88 -2.75 1.34
N LYS H 91 -43.83 -1.89 0.94
CA LYS H 91 -45.08 -1.80 1.67
C LYS H 91 -45.79 -3.14 1.70
N ARG H 92 -45.84 -3.82 0.55
CA ARG H 92 -46.50 -5.11 0.47
C ARG H 92 -45.77 -6.16 1.30
N GLN H 93 -44.43 -6.16 1.25
CA GLN H 93 -43.66 -7.14 2.00
C GLN H 93 -43.91 -7.00 3.50
N GLY H 94 -44.04 -5.77 3.98
CA GLY H 94 -44.30 -5.54 5.39
C GLY H 94 -45.55 -6.24 5.90
N ARG H 95 -46.53 -6.44 5.03
CA ARG H 95 -47.78 -7.09 5.41
C ARG H 95 -47.88 -8.53 4.93
N THR H 96 -46.82 -9.10 4.34
CA THR H 96 -46.87 -10.48 3.88
C THR H 96 -45.71 -11.32 4.42
N LEU H 97 -44.54 -10.71 4.60
CA LEU H 97 -43.36 -11.44 5.03
C LEU H 97 -43.50 -12.08 6.41
N TYR H 98 -44.37 -11.55 7.25
CA TYR H 98 -44.44 -11.98 8.65
C TYR H 98 -45.82 -12.53 9.03
N LEU I 3 -16.72 -25.02 26.56
CA LEU I 3 -16.54 -26.09 25.57
C LEU I 3 -17.48 -25.90 24.39
N GLU I 4 -16.94 -25.59 23.21
CA GLU I 4 -17.78 -25.21 22.09
C GLU I 4 -18.55 -26.40 21.52
N GLU I 5 -19.82 -26.15 21.19
CA GLU I 5 -20.65 -27.15 20.52
C GLU I 5 -20.30 -27.25 19.04
N GLU I 6 -19.99 -26.13 18.41
CA GLU I 6 -19.66 -26.07 17.00
C GLU I 6 -18.15 -26.08 16.83
N GLU I 7 -17.70 -26.65 15.72
CA GLU I 7 -16.26 -26.81 15.49
C GLU I 7 -15.66 -25.65 14.71
N ASP I 8 -16.48 -24.87 14.03
CA ASP I 8 -16.04 -23.84 13.11
C ASP I 8 -16.37 -22.44 13.61
N GLY I 9 -16.31 -22.22 14.93
CA GLY I 9 -16.59 -20.91 15.47
C GLY I 9 -15.52 -19.90 15.07
N GLU I 10 -15.92 -18.65 14.92
CA GLU I 10 -15.04 -17.60 14.44
C GLU I 10 -15.32 -16.35 15.25
N GLU I 11 -14.27 -15.73 15.80
CA GLU I 11 -14.44 -14.47 16.54
C GLU I 11 -14.59 -13.32 15.56
N LEU I 12 -15.66 -12.53 15.71
CA LEU I 12 -15.83 -11.42 14.78
C LEU I 12 -14.96 -10.22 15.16
N ILE I 13 -14.61 -10.07 16.43
CA ILE I 13 -13.83 -8.93 16.88
C ILE I 13 -12.46 -9.45 17.30
N GLY I 14 -11.44 -9.15 16.52
CA GLY I 14 -10.12 -9.67 16.80
C GLY I 14 -9.15 -9.20 15.74
N ASP I 15 -7.92 -9.69 15.85
CA ASP I 15 -6.86 -9.24 14.96
C ASP I 15 -7.23 -9.50 13.51
N GLY I 16 -6.92 -8.54 12.65
CA GLY I 16 -7.25 -8.65 11.24
C GLY I 16 -8.64 -8.19 10.86
N MET I 17 -9.48 -7.80 11.82
CA MET I 17 -10.84 -7.42 11.43
C MET I 17 -10.86 -6.21 10.51
N GLU I 18 -9.79 -5.40 10.52
CA GLU I 18 -9.73 -4.24 9.64
C GLU I 18 -9.73 -4.62 8.17
N ARG I 19 -9.34 -5.85 7.84
CA ARG I 19 -9.39 -6.28 6.44
C ARG I 19 -10.81 -6.26 5.90
N ASP I 20 -11.81 -6.43 6.78
CA ASP I 20 -13.20 -6.40 6.35
C ASP I 20 -13.68 -4.99 6.01
N TYR I 21 -12.91 -3.95 6.35
CA TYR I 21 -13.40 -2.58 6.20
C TYR I 21 -12.58 -1.77 5.20
N ARG I 22 -11.80 -2.45 4.37
CA ARG I 22 -10.99 -1.72 3.41
C ARG I 22 -11.86 -1.09 2.34
N ALA I 23 -11.40 0.03 1.81
CA ALA I 23 -12.12 0.66 0.71
C ALA I 23 -11.79 -0.07 -0.58
N ILE I 24 -12.80 -0.36 -1.39
CA ILE I 24 -12.58 -1.00 -2.68
C ILE I 24 -13.30 -0.15 -3.72
N PRO I 25 -12.64 0.89 -4.25
CA PRO I 25 -13.37 1.86 -5.09
C PRO I 25 -14.16 1.24 -6.22
N GLU I 26 -13.66 0.18 -6.85
CA GLU I 26 -14.39 -0.39 -7.98
C GLU I 26 -15.70 -1.05 -7.55
N LEU I 27 -15.83 -1.43 -6.28
CA LEU I 27 -17.03 -2.08 -5.79
C LEU I 27 -17.94 -1.16 -4.98
N ASP I 28 -17.49 0.06 -4.67
CA ASP I 28 -18.14 0.85 -3.64
C ASP I 28 -19.13 1.89 -4.20
N ALA I 29 -19.48 1.81 -5.49
CA ALA I 29 -20.54 2.62 -6.07
C ALA I 29 -21.29 1.79 -7.08
N TYR I 30 -22.57 2.12 -7.28
CA TYR I 30 -23.31 1.50 -8.38
C TYR I 30 -22.70 1.88 -9.72
N GLU I 31 -22.72 0.93 -10.65
CA GLU I 31 -22.26 1.18 -12.01
C GLU I 31 -23.42 1.65 -12.88
N ALA I 32 -23.07 2.27 -14.02
CA ALA I 32 -24.11 2.81 -14.89
C ALA I 32 -24.91 1.72 -15.59
N GLU I 33 -24.31 0.56 -15.85
CA GLU I 33 -25.00 -0.51 -16.55
C GLU I 33 -26.26 -0.94 -15.81
N GLY I 34 -27.35 -1.05 -16.54
CA GLY I 34 -28.62 -1.46 -15.96
C GLY I 34 -29.40 -0.34 -15.29
N LEU I 35 -28.84 0.85 -15.17
CA LEU I 35 -29.53 1.96 -14.53
C LEU I 35 -30.20 2.85 -15.57
N ALA I 36 -31.31 3.46 -15.18
CA ALA I 36 -32.00 4.40 -16.04
C ALA I 36 -31.19 5.67 -16.13
N LEU I 37 -30.78 6.02 -17.34
CA LEU I 37 -29.90 7.17 -17.57
C LEU I 37 -30.65 8.39 -18.09
N ASP I 38 -31.96 8.28 -18.29
CA ASP I 38 -32.78 9.43 -18.65
C ASP I 38 -33.96 9.52 -17.68
N ASP I 39 -34.90 10.43 -17.95
CA ASP I 39 -36.10 10.55 -17.15
C ASP I 39 -37.35 10.16 -17.95
N GLU I 40 -37.17 9.39 -19.02
CA GLU I 40 -38.30 8.97 -19.85
C GLU I 40 -38.90 7.67 -19.31
N ASP I 41 -40.24 7.60 -19.36
CA ASP I 41 -41.00 6.39 -19.05
C ASP I 41 -40.71 5.87 -17.64
N VAL I 42 -40.91 6.75 -16.65
CA VAL I 42 -40.83 6.37 -15.25
C VAL I 42 -42.03 6.92 -14.50
N GLU I 43 -43.13 7.20 -15.21
CA GLU I 43 -44.31 7.77 -14.57
C GLU I 43 -44.81 6.86 -13.45
N GLU I 44 -45.34 7.49 -12.40
CA GLU I 44 -45.84 6.75 -11.25
C GLU I 44 -47.00 5.83 -11.66
N LEU I 45 -47.06 4.66 -11.01
CA LEU I 45 -48.22 3.79 -11.10
C LEU I 45 -49.47 4.61 -10.91
N THR I 46 -50.46 4.41 -11.78
CA THR I 46 -51.75 4.98 -11.49
C THR I 46 -52.45 4.15 -10.42
N ALA I 47 -53.53 4.70 -9.89
CA ALA I 47 -54.27 3.98 -8.85
C ALA I 47 -54.78 2.63 -9.37
N SER I 48 -55.28 2.59 -10.60
CA SER I 48 -55.83 1.33 -11.10
C SER I 48 -54.73 0.34 -11.45
N GLN I 49 -53.56 0.83 -11.90
CA GLN I 49 -52.46 -0.09 -12.16
C GLN I 49 -51.95 -0.72 -10.87
N ARG I 50 -51.86 0.07 -9.80
CA ARG I 50 -51.47 -0.49 -8.51
C ARG I 50 -52.48 -1.52 -8.03
N GLU I 51 -53.77 -1.17 -8.09
CA GLU I 51 -54.80 -2.10 -7.62
C GLU I 51 -54.79 -3.39 -8.43
N ALA I 52 -54.58 -3.29 -9.74
CA ALA I 52 -54.56 -4.50 -10.57
C ALA I 52 -53.36 -5.36 -10.24
N ALA I 53 -52.21 -4.73 -10.00
CA ALA I 53 -51.03 -5.48 -9.58
C ALA I 53 -51.26 -6.19 -8.27
N GLU I 54 -51.86 -5.52 -7.30
CA GLU I 54 -52.06 -6.14 -6.00
C GLU I 54 -53.15 -7.20 -6.04
N ARG I 55 -54.17 -7.05 -6.89
CA ARG I 55 -55.15 -8.13 -7.05
C ARG I 55 -54.49 -9.38 -7.63
N ALA I 56 -53.62 -9.21 -8.63
CA ALA I 56 -52.94 -10.37 -9.20
C ALA I 56 -51.99 -11.02 -8.20
N MET I 57 -51.25 -10.21 -7.44
CA MET I 57 -50.32 -10.79 -6.48
C MET I 57 -51.05 -11.43 -5.30
N ARG I 58 -52.18 -10.88 -4.89
CA ARG I 58 -52.95 -11.53 -3.83
C ARG I 58 -53.41 -12.91 -4.25
N GLN I 59 -53.90 -13.04 -5.49
CA GLN I 59 -54.32 -14.35 -5.98
C GLN I 59 -53.13 -15.28 -6.12
N ARG I 60 -52.04 -14.77 -6.69
CA ARG I 60 -50.80 -15.51 -6.80
C ARG I 60 -50.41 -16.13 -5.47
N ASP I 61 -50.41 -15.32 -4.40
CA ASP I 61 -49.96 -15.79 -3.09
C ASP I 61 -50.93 -16.79 -2.49
N ARG I 62 -52.24 -16.56 -2.67
CA ARG I 62 -53.23 -17.52 -2.20
C ARG I 62 -53.05 -18.87 -2.88
N GLU I 63 -52.84 -18.87 -4.20
CA GLU I 63 -52.66 -20.13 -4.92
C GLU I 63 -51.38 -20.83 -4.49
N ALA I 64 -50.31 -20.07 -4.29
CA ALA I 64 -49.02 -20.67 -3.96
C ALA I 64 -48.94 -21.12 -2.51
N GLY I 65 -49.68 -20.46 -1.61
CA GLY I 65 -49.67 -20.82 -0.21
C GLY I 65 -48.55 -20.17 0.57
N GLY J 38 0.25 -32.15 2.76
CA GLY J 38 0.38 -31.03 3.68
C GLY J 38 1.44 -30.01 3.30
N VAL J 39 1.94 -29.29 4.30
CA VAL J 39 2.91 -28.24 4.01
C VAL J 39 4.25 -28.82 3.53
N ASP J 40 4.64 -30.00 4.03
CA ASP J 40 5.92 -30.55 3.60
C ASP J 40 5.93 -30.86 2.11
N SER J 41 4.80 -31.32 1.56
CA SER J 41 4.76 -31.61 0.13
C SER J 41 4.62 -30.33 -0.70
N LEU J 42 3.93 -29.32 -0.16
CA LEU J 42 3.93 -28.01 -0.80
C LEU J 42 5.35 -27.46 -0.90
N LYS J 43 6.12 -27.55 0.19
CA LYS J 43 7.47 -27.06 0.19
C LYS J 43 8.36 -27.86 -0.77
N ALA J 44 8.21 -29.18 -0.76
CA ALA J 44 9.02 -30.00 -1.66
C ALA J 44 8.72 -29.69 -3.11
N ALA J 45 7.43 -29.48 -3.44
CA ALA J 45 7.06 -29.17 -4.82
C ALA J 45 7.70 -27.85 -5.26
N ILE J 46 7.60 -26.83 -4.42
CA ILE J 46 8.14 -25.52 -4.80
C ILE J 46 9.66 -25.59 -4.90
N GLN J 47 10.31 -26.27 -3.96
CA GLN J 47 11.76 -26.39 -4.00
C GLN J 47 12.22 -27.13 -5.25
N SER J 48 11.50 -28.18 -5.63
CA SER J 48 11.84 -28.91 -6.84
C SER J 48 11.65 -28.04 -8.08
N ARG J 49 10.56 -27.28 -8.14
CA ARG J 49 10.37 -26.37 -9.27
C ARG J 49 11.47 -25.32 -9.34
N GLN J 50 11.88 -24.80 -8.19
CA GLN J 50 12.93 -23.77 -8.19
C GLN J 50 14.25 -24.31 -8.71
N LYS J 51 14.57 -25.55 -8.36
CA LYS J 51 15.78 -26.19 -8.90
C LYS J 51 15.68 -26.32 -10.41
N ASP J 52 14.50 -26.69 -10.91
CA ASP J 52 14.31 -26.77 -12.36
C ASP J 52 14.45 -25.40 -13.00
N ARG J 53 13.88 -24.37 -12.37
CA ARG J 53 13.96 -23.02 -12.92
C ARG J 53 15.39 -22.50 -12.90
N GLN J 54 16.16 -22.86 -11.86
CA GLN J 54 17.56 -22.42 -11.84
C GLN J 54 18.34 -23.07 -12.98
N LYS J 55 18.10 -24.35 -13.25
CA LYS J 55 18.80 -24.97 -14.36
C LYS J 55 18.36 -24.35 -15.69
N GLU J 56 17.09 -23.98 -15.82
CA GLU J 56 16.64 -23.30 -17.04
C GLU J 56 17.31 -21.93 -17.17
N MET J 57 17.48 -21.22 -16.07
CA MET J 57 18.19 -19.94 -16.10
C MET J 57 19.66 -20.14 -16.46
N ASP J 58 20.32 -21.11 -15.82
CA ASP J 58 21.69 -21.48 -16.21
C ASP J 58 21.79 -21.68 -17.71
N ASN J 59 20.84 -22.41 -18.28
CA ASN J 59 20.90 -22.73 -19.71
C ASN J 59 20.64 -21.49 -20.57
N PHE J 60 19.72 -20.63 -20.12
CA PHE J 60 19.48 -19.37 -20.82
C PHE J 60 20.72 -18.48 -20.81
N LEU J 61 21.38 -18.38 -19.66
CA LEU J 61 22.59 -17.57 -19.61
C LEU J 61 23.70 -18.18 -20.45
N ALA J 62 23.76 -19.50 -20.53
CA ALA J 62 24.78 -20.09 -21.41
C ALA J 62 24.50 -19.76 -22.88
N GLN J 63 23.22 -19.73 -23.30
CA GLN J 63 22.89 -19.32 -24.66
C GLN J 63 23.23 -17.86 -24.89
N MET J 64 22.98 -17.01 -23.89
CA MET J 64 23.36 -15.61 -24.00
C MET J 64 24.87 -15.48 -24.16
N GLU J 65 25.64 -16.20 -23.34
CA GLU J 65 27.09 -16.16 -23.46
C GLU J 65 27.54 -16.64 -24.83
N ALA J 66 26.91 -17.70 -25.34
CA ALA J 66 27.28 -18.25 -26.64
C ALA J 66 27.07 -17.23 -27.75
N LYS J 67 26.06 -16.37 -27.60
CA LYS J 67 25.79 -15.34 -28.61
C LYS J 67 26.61 -14.09 -28.39
N TYR J 68 26.90 -13.73 -27.13
CA TYR J 68 27.43 -12.41 -26.84
C TYR J 68 28.81 -12.39 -26.20
N SER J 69 29.32 -13.51 -25.69
CA SER J 69 30.55 -13.46 -24.90
C SER J 69 31.77 -13.51 -25.82
N LYS J 70 32.89 -13.01 -25.29
CA LYS J 70 34.16 -13.12 -25.99
C LYS J 70 34.62 -14.57 -26.08
N SER J 71 34.33 -15.37 -25.04
CA SER J 71 34.74 -16.77 -25.04
C SER J 71 34.18 -17.51 -26.25
N SER J 72 32.94 -17.21 -26.62
CA SER J 72 32.34 -17.80 -27.81
C SER J 72 32.94 -17.21 -29.07
N GLY K 38 30.41 41.35 -5.01
CA GLY K 38 29.96 40.40 -6.01
C GLY K 38 29.94 38.96 -5.53
N VAL K 39 29.95 38.02 -6.48
CA VAL K 39 29.88 36.61 -6.11
C VAL K 39 31.14 36.17 -5.36
N ASP K 40 32.28 36.78 -5.69
CA ASP K 40 33.51 36.45 -4.97
C ASP K 40 33.41 36.81 -3.50
N SER K 41 32.83 37.96 -3.19
CA SER K 41 32.65 38.37 -1.79
C SER K 41 31.69 37.44 -1.05
N LEU K 42 30.57 37.09 -1.70
CA LEU K 42 29.63 36.12 -1.13
C LEU K 42 30.32 34.79 -0.84
N LYS K 43 31.14 34.32 -1.78
CA LYS K 43 31.83 33.05 -1.63
C LYS K 43 32.83 33.09 -0.48
N ALA K 44 33.57 34.19 -0.37
CA ALA K 44 34.57 34.30 0.69
C ALA K 44 33.91 34.34 2.06
N ALA K 45 32.77 35.01 2.15
CA ALA K 45 32.10 35.13 3.44
C ALA K 45 31.53 33.80 3.91
N ILE K 46 30.93 33.03 2.98
CA ILE K 46 30.38 31.74 3.36
C ILE K 46 31.51 30.77 3.74
N GLN K 47 32.59 30.76 2.97
CA GLN K 47 33.71 29.87 3.28
C GLN K 47 34.35 30.23 4.62
N SER K 48 34.47 31.53 4.90
CA SER K 48 34.98 31.97 6.19
C SER K 48 34.07 31.54 7.33
N ARG K 49 32.75 31.67 7.15
CA ARG K 49 31.83 31.20 8.18
C ARG K 49 31.94 29.69 8.36
N GLN K 50 32.06 28.94 7.26
CA GLN K 50 32.14 27.49 7.36
C GLN K 50 33.39 27.04 8.11
N LYS K 51 34.50 27.76 7.95
CA LYS K 51 35.70 27.46 8.71
C LYS K 51 35.47 27.64 10.20
N ASP K 52 34.83 28.74 10.61
CA ASP K 52 34.52 28.96 12.01
C ASP K 52 33.55 27.90 12.53
N ARG K 53 32.56 27.53 11.72
CA ARG K 53 31.61 26.52 12.14
C ARG K 53 32.29 25.17 12.35
N GLN K 54 33.24 24.82 11.49
CA GLN K 54 33.98 23.57 11.68
C GLN K 54 34.78 23.61 12.98
N LYS K 55 35.39 24.76 13.30
CA LYS K 55 36.09 24.85 14.58
C LYS K 55 35.13 24.72 15.75
N GLU K 56 33.94 25.33 15.64
CA GLU K 56 32.94 25.21 16.70
C GLU K 56 32.52 23.76 16.86
N MET K 57 32.40 23.03 15.75
CA MET K 57 32.04 21.63 15.82
C MET K 57 33.17 20.79 16.44
N ASP K 58 34.42 21.06 16.03
CA ASP K 58 35.55 20.40 16.67
C ASP K 58 35.52 20.60 18.18
N ASN K 59 35.28 21.84 18.61
CA ASN K 59 35.22 22.13 20.04
C ASN K 59 34.08 21.40 20.72
N PHE K 60 32.90 21.39 20.09
CA PHE K 60 31.76 20.67 20.65
C PHE K 60 32.06 19.18 20.78
N LEU K 61 32.69 18.61 19.74
CA LEU K 61 33.00 17.19 19.81
C LEU K 61 34.07 16.89 20.86
N ALA K 62 35.01 17.82 21.07
CA ALA K 62 35.97 17.66 22.16
C ALA K 62 35.28 17.69 23.53
N GLN K 63 34.33 18.60 23.72
CA GLN K 63 33.57 18.61 24.97
C GLN K 63 32.78 17.31 25.15
N MET K 64 32.22 16.77 24.06
CA MET K 64 31.51 15.50 24.16
C MET K 64 32.47 14.37 24.54
N GLU K 65 33.68 14.39 23.97
CA GLU K 65 34.67 13.38 24.34
C GLU K 65 35.09 13.51 25.81
N ALA K 66 35.28 14.73 26.27
CA ALA K 66 35.68 14.93 27.67
C ALA K 66 34.62 14.41 28.62
N LYS K 67 33.34 14.45 28.22
CA LYS K 67 32.27 13.97 29.08
C LYS K 67 32.01 12.48 28.94
N TYR K 68 32.18 11.91 27.75
CA TYR K 68 31.71 10.55 27.48
C TYR K 68 32.79 9.56 27.08
N SER K 69 34.02 10.00 26.80
CA SER K 69 35.03 9.07 26.30
C SER K 69 35.86 8.48 27.43
N LYS K 70 36.46 7.33 27.15
CA LYS K 70 37.31 6.65 28.13
C LYS K 70 38.69 7.29 28.19
N GLY L 38 -37.61 -16.84 30.32
CA GLY L 38 -37.29 -17.94 29.43
C GLY L 38 -37.68 -17.65 27.99
N VAL L 39 -38.43 -18.59 27.38
CA VAL L 39 -38.80 -18.43 25.98
C VAL L 39 -39.84 -17.31 25.80
N ASP L 40 -40.74 -17.12 26.78
CA ASP L 40 -41.76 -16.09 26.62
C ASP L 40 -41.14 -14.69 26.58
N SER L 41 -40.12 -14.46 27.41
CA SER L 41 -39.45 -13.16 27.38
C SER L 41 -38.60 -13.00 26.11
N LEU L 42 -38.03 -14.10 25.61
CA LEU L 42 -37.31 -14.04 24.35
C LEU L 42 -38.25 -13.62 23.23
N LYS L 43 -39.43 -14.25 23.15
CA LYS L 43 -40.32 -13.89 22.05
C LYS L 43 -40.93 -12.50 22.26
N ALA L 44 -41.13 -12.08 23.50
CA ALA L 44 -41.62 -10.71 23.72
C ALA L 44 -40.59 -9.68 23.27
N ALA L 45 -39.32 -9.91 23.55
CA ALA L 45 -38.30 -8.96 23.13
C ALA L 45 -38.23 -8.89 21.61
N ILE L 46 -38.21 -10.04 20.93
CA ILE L 46 -38.12 -10.05 19.48
C ILE L 46 -39.36 -9.41 18.87
N GLN L 47 -40.54 -9.70 19.40
CA GLN L 47 -41.74 -9.13 18.80
C GLN L 47 -41.79 -7.63 19.01
N SER L 48 -41.28 -7.15 20.14
CA SER L 48 -41.22 -5.71 20.36
C SER L 48 -40.19 -5.05 19.44
N ARG L 49 -39.06 -5.72 19.20
CA ARG L 49 -38.10 -5.17 18.25
C ARG L 49 -38.70 -5.10 16.86
N GLN L 50 -39.43 -6.15 16.47
CA GLN L 50 -40.05 -6.19 15.15
C GLN L 50 -41.08 -5.08 14.98
N LYS L 51 -41.79 -4.74 16.05
CA LYS L 51 -42.73 -3.65 15.97
C LYS L 51 -41.97 -2.35 15.72
N ASP L 52 -40.86 -2.14 16.39
CA ASP L 52 -40.09 -0.91 16.19
C ASP L 52 -39.50 -0.86 14.78
N ARG L 53 -39.04 -2.02 14.27
CA ARG L 53 -38.48 -2.03 12.92
C ARG L 53 -39.54 -1.76 11.86
N GLN L 54 -40.76 -2.23 12.10
CA GLN L 54 -41.83 -1.96 11.13
C GLN L 54 -42.17 -0.48 11.11
N LYS L 55 -42.21 0.16 12.29
CA LYS L 55 -42.43 1.60 12.35
C LYS L 55 -41.31 2.34 11.64
N GLU L 56 -40.08 1.88 11.82
CA GLU L 56 -38.93 2.46 11.15
C GLU L 56 -39.04 2.29 9.61
N MET L 57 -39.46 1.11 9.18
CA MET L 57 -39.63 0.92 7.75
C MET L 57 -40.76 1.80 7.22
N ASP L 58 -41.88 1.87 7.94
CA ASP L 58 -42.97 2.78 7.55
C ASP L 58 -42.45 4.20 7.36
N ASN L 59 -41.57 4.64 8.28
CA ASN L 59 -41.05 6.01 8.19
C ASN L 59 -40.10 6.17 7.02
N PHE L 60 -39.26 5.16 6.77
CA PHE L 60 -38.37 5.18 5.61
C PHE L 60 -39.16 5.29 4.32
N LEU L 61 -40.22 4.48 4.19
CA LEU L 61 -41.06 4.53 3.00
C LEU L 61 -41.77 5.88 2.86
N ALA L 62 -42.19 6.48 3.97
CA ALA L 62 -42.79 7.81 3.89
C ALA L 62 -41.79 8.85 3.39
N GLN L 63 -40.52 8.77 3.83
CA GLN L 63 -39.51 9.69 3.32
C GLN L 63 -39.25 9.45 1.84
N MET L 64 -39.21 8.18 1.42
CA MET L 64 -39.11 7.86 0.00
C MET L 64 -40.25 8.49 -0.80
N GLU L 65 -41.49 8.30 -0.32
CA GLU L 65 -42.64 8.89 -0.99
C GLU L 65 -42.54 10.42 -1.03
N ALA L 66 -42.13 11.03 0.10
CA ALA L 66 -41.99 12.48 0.14
C ALA L 66 -40.99 12.97 -0.90
N LYS L 67 -39.96 12.17 -1.19
CA LYS L 67 -38.96 12.56 -2.16
C LYS L 67 -39.37 12.21 -3.59
N TYR L 68 -40.09 11.10 -3.79
CA TYR L 68 -40.30 10.56 -5.13
C TYR L 68 -41.76 10.47 -5.58
N SER L 69 -42.74 10.62 -4.69
CA SER L 69 -44.13 10.35 -5.07
C SER L 69 -44.75 11.57 -5.76
N LYS L 70 -45.74 11.28 -6.60
CA LYS L 70 -46.50 12.34 -7.26
C LYS L 70 -47.30 13.17 -6.26
N SER L 71 -47.80 12.53 -5.19
CA SER L 71 -48.63 13.24 -4.22
C SER L 71 -47.84 14.34 -3.52
N SER L 72 -46.55 14.14 -3.31
CA SER L 72 -45.70 15.15 -2.68
C SER L 72 -45.12 16.11 -3.72
S SO4 M . 5.71 23.16 17.04
O1 SO4 M . 7.01 22.87 16.45
O2 SO4 M . 5.77 24.40 17.79
O3 SO4 M . 5.35 22.03 17.90
O4 SO4 M . 4.67 23.32 16.01
S SO4 N . 1.57 27.40 10.60
O1 SO4 N . 2.31 27.45 11.86
O2 SO4 N . 0.25 28.04 10.78
O3 SO4 N . 1.39 26.01 10.21
O4 SO4 N . 2.30 28.12 9.57
#